data_9I8Y
#
_entry.id   9I8Y
#
_cell.length_a   1.00
_cell.length_b   1.00
_cell.length_c   1.00
_cell.angle_alpha   90.00
_cell.angle_beta   90.00
_cell.angle_gamma   90.00
#
_symmetry.space_group_name_H-M   'P 1'
#
loop_
_entity.id
_entity.type
_entity.pdbx_description
1 polymer 'CRISPR-associated endodeoxyribonuclease Cas12f1'
2 polymer 'DNA target strand'
3 polymer 'DNA non-target strand'
4 polymer 'sgRNA (single-guide RNA)'
5 non-polymer 'ZINC ION'
#
loop_
_entity_poly.entity_id
_entity_poly.type
_entity_poly.pdbx_seq_one_letter_code
_entity_poly.pdbx_strand_id
1 'polypeptide(L)'
;SNAMGESVKAIKLKILDMFLDPECTKQDDNWRKDLSTMSRFCAEAGNMCLRDLYNYFSMPKEDRISSKDLYNAMYHKTKL
LHPELPGKVANQIVNHAKDVWKRNAKLIYRNQISMPTYKITTAPIRLQNNIYKLIKNKNKYIIDVQLYSKEYSKDSGKGT
HRYFLVAVRDSSTRMIFDRIMSKDHIDSSKSYTQGQLQIKKDHQGKWYCIIPYTFPTHETVLDPDKVMGVDLGVAKAVYW
AFNSSYKRGCIDGGEIEHFRKMIRARRVSIQNQIKHSGDARKGHGRKRALKPIETLSEKEKNFRDTINHRYANRIVEAAI
KQGCGTIQIENLEGIADTTGSKFLKNWPYYDLQTKIVNKAKEHGITVVAINPQYTSQRCSMCGYIEKTNRSSQAVFECKQ
CGYGSRTICINCRHVQVSGDVCEECGGIVKKENVNADYNAAKNISTPYIDQIIMEKCLELGIPYRSITCKECGHIQASGN
TCEVCGSTNILKPKKIRKAK
;
A,B
2 'polydeoxyribonucleotide'
;(DG)(DG)(DC)(DG)(DA)(DC)(DG)(DT)(DT)(DG)(DG)(DG)(DT)(DC)(DA)(DA)(DC)(DT)(DG)(DA)
(DA)(DA)(DT)(DA)(DC)(DG)(DC)(DT)(DA)(DC)(DG)(DC)
;
C
3 'polydeoxyribonucleotide' (DG)(DC)(DG)(DT)(DA)(DG)(DC)(DG)(DT)(DA)(DT)(DT)(DT)(DC)(DT)(DC)(DA)(DA)(DC) D
4 'polyribonucleotide'
;GGGAUUUACUCUGUUUCGCGCGCCAGGGCAGUUAGGUGCCCUAAAAGAGCGAAGUGGCCGAAAGGAAAGGCUAACGCUUC
UCUAACGCUACGGCGACCUUGGCGAAAUGCCAUCAAUACCACGCGGCCCGAAAGGGUUCGCGCGAAACUGAGUAAUGAAA
GUCGCAUCUUGCGUAAGCGCGUGGAUUGAAACAGUUGACCCAACGUCGCC
;
E
#
loop_
_chem_comp.id
_chem_comp.type
_chem_comp.name
_chem_comp.formula
A RNA linking ADENOSINE-5'-MONOPHOSPHATE 'C10 H14 N5 O7 P'
C RNA linking CYTIDINE-5'-MONOPHOSPHATE 'C9 H14 N3 O8 P'
DA DNA linking 2'-DEOXYADENOSINE-5'-MONOPHOSPHATE 'C10 H14 N5 O6 P'
DC DNA linking 2'-DEOXYCYTIDINE-5'-MONOPHOSPHATE 'C9 H14 N3 O7 P'
DG DNA linking 2'-DEOXYGUANOSINE-5'-MONOPHOSPHATE 'C10 H14 N5 O7 P'
DT DNA linking THYMIDINE-5'-MONOPHOSPHATE 'C10 H15 N2 O8 P'
G RNA linking GUANOSINE-5'-MONOPHOSPHATE 'C10 H14 N5 O8 P'
U RNA linking URIDINE-5'-MONOPHOSPHATE 'C9 H13 N2 O9 P'
ZN non-polymer 'ZINC ION' 'Zn 2'
#
# COMPACT_ATOMS: atom_id res chain seq x y z
N GLU A 6 -18.30 -21.77 21.59
CA GLU A 6 -17.08 -22.32 21.02
C GLU A 6 -16.22 -21.22 20.41
N SER A 7 -14.93 -21.27 20.67
CA SER A 7 -13.95 -20.32 20.16
C SER A 7 -12.88 -21.05 19.37
N VAL A 8 -11.96 -20.29 18.77
CA VAL A 8 -10.94 -20.87 17.92
C VAL A 8 -9.72 -19.95 17.84
N LYS A 9 -8.53 -20.52 17.99
CA LYS A 9 -7.28 -19.78 17.87
C LYS A 9 -6.36 -20.52 16.90
N ALA A 10 -5.12 -20.04 16.74
CA ALA A 10 -4.18 -20.62 15.79
C ALA A 10 -2.82 -20.85 16.45
N ILE A 11 -2.14 -21.90 16.01
CA ILE A 11 -0.81 -22.26 16.51
C ILE A 11 0.15 -22.19 15.34
N LYS A 12 0.87 -21.09 15.21
CA LYS A 12 1.84 -20.90 14.13
C LYS A 12 3.18 -21.45 14.56
N LEU A 13 3.62 -22.54 13.94
CA LEU A 13 4.88 -23.20 14.25
C LEU A 13 5.81 -23.13 13.05
N LYS A 14 7.02 -22.62 13.26
CA LYS A 14 8.00 -22.55 12.18
C LYS A 14 8.58 -23.93 11.90
N ILE A 15 8.85 -24.19 10.63
CA ILE A 15 9.37 -25.49 10.18
C ILE A 15 10.88 -25.46 10.23
N LEU A 16 11.47 -26.31 11.06
CA LEU A 16 12.92 -26.42 11.10
C LEU A 16 13.45 -27.18 9.89
N ASP A 17 12.79 -28.27 9.51
CA ASP A 17 13.25 -29.11 8.41
C ASP A 17 12.10 -30.02 8.01
N MET A 18 12.24 -30.65 6.84
CA MET A 18 11.26 -31.61 6.33
C MET A 18 11.93 -32.96 6.15
N PHE A 19 11.21 -34.03 6.48
CA PHE A 19 11.73 -35.38 6.45
C PHE A 19 10.74 -36.30 5.75
N LEU A 20 11.24 -37.46 5.32
CA LEU A 20 10.41 -38.49 4.70
C LEU A 20 10.31 -39.75 5.54
N ASP A 21 10.72 -39.68 6.81
CA ASP A 21 10.67 -40.82 7.71
C ASP A 21 10.01 -40.41 9.02
N PRO A 22 9.28 -41.32 9.67
CA PRO A 22 8.69 -40.96 10.98
C PRO A 22 9.72 -40.60 12.03
N GLU A 23 10.91 -41.20 11.98
CA GLU A 23 11.98 -40.88 12.91
C GLU A 23 12.82 -39.70 12.47
N CYS A 24 12.49 -39.09 11.32
CA CYS A 24 13.21 -37.93 10.79
C CYS A 24 14.68 -38.25 10.55
N THR A 25 14.99 -39.50 10.20
CA THR A 25 16.36 -39.86 9.88
C THR A 25 16.78 -39.33 8.51
N LYS A 26 15.89 -39.44 7.52
CA LYS A 26 16.16 -38.99 6.16
C LYS A 26 15.40 -37.72 5.87
N GLN A 27 16.10 -36.70 5.38
CA GLN A 27 15.52 -35.41 5.08
C GLN A 27 15.63 -35.11 3.59
N ASP A 28 14.75 -34.22 3.12
CA ASP A 28 14.78 -33.76 1.73
C ASP A 28 15.80 -32.65 1.61
N ASP A 29 16.83 -32.87 0.80
CA ASP A 29 17.90 -31.88 0.63
C ASP A 29 17.39 -30.58 0.02
N ASN A 30 16.28 -30.63 -0.73
CA ASN A 30 15.72 -29.44 -1.35
C ASN A 30 14.29 -29.23 -0.88
N TRP A 31 14.07 -29.34 0.44
CA TRP A 31 12.71 -29.28 0.97
C TRP A 31 12.13 -27.88 0.89
N ARG A 32 12.97 -26.84 1.01
CA ARG A 32 12.45 -25.48 0.94
C ARG A 32 11.90 -25.15 -0.45
N LYS A 33 12.64 -25.52 -1.51
CA LYS A 33 12.12 -25.30 -2.85
C LYS A 33 10.92 -26.21 -3.14
N ASP A 34 10.88 -27.39 -2.51
CA ASP A 34 9.69 -28.24 -2.63
C ASP A 34 8.47 -27.56 -2.02
N LEU A 35 8.63 -26.94 -0.84
CA LEU A 35 7.54 -26.20 -0.24
C LEU A 35 7.13 -25.01 -1.10
N SER A 36 8.11 -24.31 -1.68
CA SER A 36 7.78 -23.19 -2.57
C SER A 36 7.01 -23.67 -3.80
N THR A 37 7.41 -24.80 -4.37
CA THR A 37 6.70 -25.35 -5.52
C THR A 37 5.28 -25.75 -5.13
N MET A 38 5.12 -26.39 -3.96
CA MET A 38 3.79 -26.79 -3.51
C MET A 38 2.90 -25.57 -3.27
N SER A 39 3.45 -24.51 -2.66
CA SER A 39 2.66 -23.30 -2.43
C SER A 39 2.28 -22.64 -3.75
N ARG A 40 3.20 -22.61 -4.72
CA ARG A 40 2.87 -22.05 -6.02
C ARG A 40 1.78 -22.87 -6.72
N PHE A 41 1.86 -24.21 -6.61
CA PHE A 41 0.84 -25.05 -7.19
C PHE A 41 -0.51 -24.83 -6.52
N CYS A 42 -0.52 -24.67 -5.20
CA CYS A 42 -1.76 -24.38 -4.50
C CYS A 42 -2.36 -23.04 -4.94
N ALA A 43 -1.51 -22.03 -5.11
CA ALA A 43 -1.99 -20.74 -5.58
C ALA A 43 -2.54 -20.85 -7.00
N GLU A 44 -1.87 -21.61 -7.85
CA GLU A 44 -2.36 -21.80 -9.22
C GLU A 44 -3.70 -22.54 -9.23
N ALA A 45 -3.85 -23.55 -8.37
CA ALA A 45 -5.11 -24.26 -8.28
C ALA A 45 -6.23 -23.36 -7.78
N GLY A 46 -5.93 -22.51 -6.78
CA GLY A 46 -6.92 -21.56 -6.32
C GLY A 46 -7.31 -20.56 -7.41
N ASN A 47 -6.33 -20.11 -8.19
CA ASN A 47 -6.62 -19.20 -9.29
C ASN A 47 -7.51 -19.85 -10.34
N MET A 48 -7.22 -21.10 -10.70
CA MET A 48 -8.04 -21.76 -11.70
C MET A 48 -9.43 -22.06 -11.17
N CYS A 49 -9.55 -22.39 -9.88
CA CYS A 49 -10.87 -22.59 -9.28
C CYS A 49 -11.68 -21.31 -9.27
N LEU A 50 -11.04 -20.19 -8.92
CA LEU A 50 -11.74 -18.91 -8.96
C LEU A 50 -12.15 -18.54 -10.38
N ARG A 51 -11.29 -18.82 -11.36
CA ARG A 51 -11.64 -18.55 -12.75
C ARG A 51 -12.83 -19.39 -13.20
N ASP A 52 -12.85 -20.67 -12.81
CA ASP A 52 -13.97 -21.53 -13.16
C ASP A 52 -15.26 -21.04 -12.49
N LEU A 53 -15.17 -20.63 -11.22
CA LEU A 53 -16.34 -20.08 -10.55
C LEU A 53 -16.84 -18.82 -11.23
N TYR A 54 -15.93 -17.96 -11.66
CA TYR A 54 -16.32 -16.73 -12.34
C TYR A 54 -17.00 -17.04 -13.68
N ASN A 55 -16.44 -17.97 -14.45
CA ASN A 55 -17.05 -18.32 -15.73
C ASN A 55 -18.37 -19.04 -15.54
N TYR A 56 -18.55 -19.74 -14.42
CA TYR A 56 -19.81 -20.43 -14.14
C TYR A 56 -20.89 -19.43 -13.75
N PHE A 57 -20.64 -18.63 -12.71
CA PHE A 57 -21.67 -17.70 -12.22
C PHE A 57 -21.88 -16.52 -13.15
N SER A 58 -20.94 -16.22 -14.04
CA SER A 58 -21.16 -15.19 -15.04
C SER A 58 -22.08 -15.66 -16.16
N MET A 59 -22.11 -16.97 -16.42
CA MET A 59 -23.03 -17.51 -17.41
C MET A 59 -24.45 -17.53 -16.86
N PRO A 60 -25.46 -17.47 -17.74
CA PRO A 60 -26.85 -17.54 -17.27
C PRO A 60 -27.14 -18.87 -16.60
N LYS A 61 -28.06 -18.83 -15.62
CA LYS A 61 -28.35 -20.02 -14.83
C LYS A 61 -28.91 -21.15 -15.69
N GLU A 62 -29.59 -20.82 -16.79
CA GLU A 62 -30.08 -21.86 -17.68
C GLU A 62 -28.93 -22.64 -18.31
N ASP A 63 -27.88 -21.94 -18.74
CA ASP A 63 -26.71 -22.59 -19.33
C ASP A 63 -25.66 -22.90 -18.26
N ARG A 64 -26.07 -23.58 -17.20
CA ARG A 64 -25.18 -23.99 -16.13
C ARG A 64 -25.37 -25.46 -15.82
N ILE A 65 -24.27 -26.11 -15.45
CA ILE A 65 -24.33 -27.42 -14.82
C ILE A 65 -24.69 -27.19 -13.35
N SER A 66 -25.07 -28.25 -12.65
CA SER A 66 -25.35 -28.12 -11.22
C SER A 66 -24.09 -27.69 -10.49
N SER A 67 -24.26 -26.88 -9.43
CA SER A 67 -23.11 -26.41 -8.66
C SER A 67 -22.32 -27.56 -8.06
N LYS A 68 -23.00 -28.67 -7.77
CA LYS A 68 -22.29 -29.87 -7.32
C LYS A 68 -21.37 -30.41 -8.39
N ASP A 69 -21.86 -30.46 -9.64
CA ASP A 69 -21.01 -30.86 -10.76
C ASP A 69 -19.88 -29.87 -10.98
N LEU A 70 -20.14 -28.58 -10.75
CA LEU A 70 -19.07 -27.59 -10.85
C LEU A 70 -17.99 -27.84 -9.81
N TYR A 71 -18.38 -28.13 -8.57
CA TYR A 71 -17.40 -28.45 -7.53
C TYR A 71 -16.60 -29.69 -7.91
N ASN A 72 -17.28 -30.73 -8.42
CA ASN A 72 -16.58 -31.94 -8.81
C ASN A 72 -15.59 -31.67 -9.94
N ALA A 73 -16.01 -30.90 -10.94
CA ALA A 73 -15.12 -30.58 -12.06
C ALA A 73 -13.92 -29.75 -11.61
N MET A 74 -14.15 -28.79 -10.71
CA MET A 74 -13.05 -27.99 -10.19
C MET A 74 -12.06 -28.85 -9.42
N TYR A 75 -12.58 -29.77 -8.59
CA TYR A 75 -11.71 -30.68 -7.86
C TYR A 75 -10.90 -31.57 -8.81
N HIS A 76 -11.56 -32.08 -9.86
CA HIS A 76 -10.85 -32.94 -10.80
C HIS A 76 -9.77 -32.18 -11.55
N LYS A 77 -10.06 -30.94 -11.97
CA LYS A 77 -9.06 -30.15 -12.68
C LYS A 77 -7.91 -29.75 -11.75
N THR A 78 -8.20 -29.49 -10.49
CA THR A 78 -7.14 -29.25 -9.51
C THR A 78 -6.26 -30.48 -9.34
N LYS A 79 -6.87 -31.66 -9.30
CA LYS A 79 -6.12 -32.89 -9.10
C LYS A 79 -5.33 -33.30 -10.34
N LEU A 80 -5.76 -32.89 -11.53
CA LEU A 80 -5.07 -33.28 -12.76
C LEU A 80 -4.05 -32.26 -13.25
N LEU A 81 -4.28 -30.96 -13.04
CA LEU A 81 -3.30 -29.96 -13.45
C LEU A 81 -2.02 -30.10 -12.64
N HIS A 82 -2.13 -30.35 -11.34
CA HIS A 82 -0.99 -30.53 -10.46
C HIS A 82 -1.13 -31.90 -9.80
N PRO A 83 -0.60 -32.95 -10.44
CA PRO A 83 -0.71 -34.29 -9.85
C PRO A 83 -0.01 -34.45 -8.51
N GLU A 84 0.91 -33.55 -8.17
CA GLU A 84 1.60 -33.64 -6.89
C GLU A 84 0.69 -33.29 -5.72
N LEU A 85 -0.37 -32.54 -5.96
CA LEU A 85 -1.30 -32.18 -4.90
C LEU A 85 -2.17 -33.38 -4.53
N PRO A 86 -2.19 -33.81 -3.26
CA PRO A 86 -3.07 -34.90 -2.87
C PRO A 86 -4.54 -34.49 -2.84
N GLY A 87 -5.42 -35.44 -2.54
CA GLY A 87 -6.85 -35.15 -2.56
C GLY A 87 -7.26 -34.12 -1.53
N LYS A 88 -6.74 -34.24 -0.30
CA LYS A 88 -7.14 -33.34 0.77
C LYS A 88 -6.75 -31.90 0.47
N VAL A 89 -5.53 -31.69 -0.01
CA VAL A 89 -5.10 -30.35 -0.40
C VAL A 89 -6.00 -29.81 -1.51
N ALA A 90 -6.37 -30.68 -2.46
CA ALA A 90 -7.20 -30.24 -3.57
C ALA A 90 -8.57 -29.78 -3.09
N ASN A 91 -9.23 -30.57 -2.25
CA ASN A 91 -10.56 -30.16 -1.80
C ASN A 91 -10.48 -28.97 -0.85
N GLN A 92 -9.39 -28.84 -0.09
CA GLN A 92 -9.22 -27.65 0.74
C GLN A 92 -9.06 -26.40 -0.11
N ILE A 93 -8.28 -26.49 -1.18
CA ILE A 93 -8.11 -25.35 -2.09
C ILE A 93 -9.43 -24.98 -2.73
N VAL A 94 -10.20 -25.99 -3.17
CA VAL A 94 -11.49 -25.71 -3.80
C VAL A 94 -12.44 -25.07 -2.79
N ASN A 95 -12.44 -25.55 -1.55
CA ASN A 95 -13.29 -24.97 -0.51
C ASN A 95 -12.91 -23.52 -0.24
N HIS A 96 -11.61 -23.22 -0.16
CA HIS A 96 -11.21 -21.84 0.11
C HIS A 96 -11.55 -20.93 -1.06
N ALA A 97 -11.38 -21.41 -2.29
CA ALA A 97 -11.79 -20.63 -3.44
C ALA A 97 -13.29 -20.38 -3.44
N LYS A 98 -14.08 -21.39 -3.07
CA LYS A 98 -15.52 -21.22 -2.98
C LYS A 98 -15.90 -20.23 -1.91
N ASP A 99 -15.18 -20.24 -0.78
CA ASP A 99 -15.45 -19.26 0.27
C ASP A 99 -15.14 -17.85 -0.18
N VAL A 100 -14.01 -17.65 -0.87
CA VAL A 100 -13.68 -16.34 -1.40
C VAL A 100 -14.73 -15.89 -2.41
N TRP A 101 -15.19 -16.82 -3.25
CA TRP A 101 -16.20 -16.47 -4.25
C TRP A 101 -17.53 -16.11 -3.59
N LYS A 102 -17.95 -16.86 -2.56
CA LYS A 102 -19.21 -16.53 -1.92
C LYS A 102 -19.12 -15.25 -1.11
N ARG A 103 -17.93 -14.90 -0.63
CA ARG A 103 -17.78 -13.63 0.08
C ARG A 103 -17.72 -12.45 -0.88
N ASN A 104 -17.25 -12.65 -2.12
CA ASN A 104 -17.11 -11.54 -3.07
C ASN A 104 -18.12 -11.60 -4.22
N ALA A 105 -19.11 -12.49 -4.18
CA ALA A 105 -19.98 -12.70 -5.31
C ALA A 105 -20.86 -11.48 -5.62
N LYS A 106 -21.43 -10.85 -4.59
CA LYS A 106 -22.32 -9.72 -4.83
C LYS A 106 -21.56 -8.56 -5.47
N LEU A 107 -20.36 -8.28 -4.98
CA LEU A 107 -19.56 -7.21 -5.56
C LEU A 107 -19.01 -7.58 -6.93
N ILE A 108 -18.78 -8.86 -7.19
CA ILE A 108 -18.41 -9.30 -8.54
C ILE A 108 -19.56 -9.05 -9.49
N TYR A 109 -20.79 -9.38 -9.07
CA TYR A 109 -21.96 -9.11 -9.89
C TYR A 109 -22.12 -7.61 -10.14
N ARG A 110 -21.86 -6.80 -9.12
CA ARG A 110 -21.89 -5.35 -9.28
C ARG A 110 -20.63 -4.80 -9.95
N ASN A 111 -19.65 -5.65 -10.24
CA ASN A 111 -18.41 -5.27 -10.92
C ASN A 111 -17.65 -4.19 -10.13
N GLN A 112 -17.72 -4.27 -8.80
CA GLN A 112 -16.98 -3.37 -7.93
C GLN A 112 -15.73 -4.02 -7.34
N ILE A 113 -15.43 -5.26 -7.72
CA ILE A 113 -14.31 -6.00 -7.17
C ILE A 113 -13.54 -6.64 -8.32
N SER A 114 -12.23 -6.45 -8.34
CA SER A 114 -11.37 -7.18 -9.26
C SER A 114 -11.30 -8.64 -8.85
N MET A 115 -11.35 -9.54 -9.82
CA MET A 115 -11.48 -10.96 -9.52
C MET A 115 -10.36 -11.42 -8.58
N PRO A 116 -10.68 -12.12 -7.50
CA PRO A 116 -9.64 -12.48 -6.53
C PRO A 116 -8.55 -13.32 -7.15
N THR A 117 -7.32 -13.08 -6.71
CA THR A 117 -6.14 -13.78 -7.24
C THR A 117 -5.23 -14.15 -6.08
N TYR A 118 -5.01 -15.45 -5.89
CA TYR A 118 -4.09 -15.91 -4.86
C TYR A 118 -2.66 -15.54 -5.25
N LYS A 119 -1.96 -14.86 -4.34
CA LYS A 119 -0.57 -14.48 -4.60
C LYS A 119 0.31 -15.71 -4.59
N ILE A 120 1.04 -15.93 -5.68
CA ILE A 120 1.90 -17.11 -5.78
C ILE A 120 3.00 -17.07 -4.73
N THR A 121 3.59 -15.90 -4.52
CA THR A 121 4.63 -15.75 -3.50
C THR A 121 4.03 -15.94 -2.12
N THR A 122 4.67 -16.79 -1.31
CA THR A 122 4.28 -17.06 0.08
C THR A 122 2.81 -17.48 0.17
N ALA A 123 2.37 -18.32 -0.77
CA ALA A 123 1.00 -18.79 -0.77
C ALA A 123 0.80 -19.87 0.30
N PRO A 124 -0.38 -19.94 0.90
CA PRO A 124 -0.66 -20.98 1.89
C PRO A 124 -1.02 -22.30 1.26
N ILE A 125 -0.64 -23.38 1.94
CA ILE A 125 -0.98 -24.74 1.54
C ILE A 125 -2.00 -25.26 2.55
N ARG A 126 -3.21 -25.55 2.09
CA ARG A 126 -4.33 -25.90 2.95
C ARG A 126 -4.54 -27.41 2.96
N LEU A 127 -4.63 -27.99 4.16
CA LEU A 127 -4.80 -29.42 4.34
C LEU A 127 -5.88 -29.66 5.39
N GLN A 128 -6.73 -30.66 5.14
CA GLN A 128 -7.79 -30.98 6.09
C GLN A 128 -7.20 -31.59 7.36
N ASN A 129 -7.98 -31.53 8.44
CA ASN A 129 -7.54 -32.03 9.74
C ASN A 129 -7.43 -33.54 9.78
N ASN A 130 -8.05 -34.25 8.83
CA ASN A 130 -8.07 -35.71 8.87
C ASN A 130 -6.68 -36.30 8.64
N ILE A 131 -5.91 -35.72 7.71
CA ILE A 131 -4.66 -36.33 7.27
C ILE A 131 -3.52 -36.02 8.21
N TYR A 132 -3.19 -34.74 8.39
CA TYR A 132 -2.02 -34.38 9.18
C TYR A 132 -2.26 -34.70 10.65
N LYS A 133 -1.31 -35.39 11.26
CA LYS A 133 -1.41 -35.87 12.63
C LYS A 133 -0.29 -35.29 13.46
N LEU A 134 -0.64 -34.71 14.61
CA LEU A 134 0.35 -34.14 15.51
C LEU A 134 0.93 -35.25 16.38
N ILE A 135 2.22 -35.51 16.23
CA ILE A 135 2.91 -36.54 17.00
C ILE A 135 4.11 -35.89 17.70
N LYS A 136 4.57 -36.56 18.76
CA LYS A 136 5.67 -36.06 19.59
C LYS A 136 6.65 -37.22 19.80
N ASN A 137 7.65 -37.32 18.94
CA ASN A 137 8.69 -38.34 19.05
C ASN A 137 9.87 -37.73 19.81
N LYS A 138 10.03 -38.15 21.07
CA LYS A 138 11.06 -37.63 21.98
C LYS A 138 10.84 -36.12 22.09
N ASN A 139 11.92 -35.32 22.13
CA ASN A 139 11.77 -33.87 22.21
C ASN A 139 11.35 -33.25 20.88
N LYS A 140 11.41 -34.01 19.79
CA LYS A 140 11.04 -33.48 18.48
C LYS A 140 9.52 -33.44 18.34
N TYR A 141 9.00 -32.31 17.86
CA TYR A 141 7.59 -32.15 17.55
C TYR A 141 7.41 -32.28 16.05
N ILE A 142 6.61 -33.25 15.63
CA ILE A 142 6.49 -33.64 14.22
C ILE A 142 5.03 -33.61 13.81
N ILE A 143 4.77 -33.07 12.62
CA ILE A 143 3.44 -33.07 12.03
C ILE A 143 3.47 -33.97 10.79
N ASP A 144 2.64 -35.03 10.80
CA ASP A 144 2.60 -35.99 9.71
C ASP A 144 1.71 -35.46 8.58
N VAL A 145 2.23 -34.45 7.91
CA VAL A 145 1.51 -33.78 6.82
C VAL A 145 1.55 -34.65 5.57
N GLN A 146 0.39 -34.88 4.96
CA GLN A 146 0.29 -35.57 3.67
C GLN A 146 0.26 -34.50 2.58
N LEU A 147 1.43 -34.19 2.03
CA LEU A 147 1.55 -33.15 1.03
C LEU A 147 1.71 -33.67 -0.39
N TYR A 148 1.82 -34.99 -0.57
CA TYR A 148 2.05 -35.59 -1.88
C TYR A 148 0.94 -36.59 -2.19
N SER A 149 0.46 -36.56 -3.43
CA SER A 149 -0.53 -37.51 -3.89
C SER A 149 0.10 -38.90 -4.04
N LYS A 150 -0.77 -39.92 -4.13
CA LYS A 150 -0.28 -41.28 -4.29
C LYS A 150 0.32 -41.50 -5.67
N GLU A 151 -0.20 -40.82 -6.69
CA GLU A 151 0.39 -40.91 -8.03
C GLU A 151 1.81 -40.36 -8.03
N TYR A 152 2.02 -39.21 -7.38
CA TYR A 152 3.36 -38.66 -7.27
C TYR A 152 4.27 -39.57 -6.47
N SER A 153 3.73 -40.22 -5.43
CA SER A 153 4.52 -41.16 -4.65
C SER A 153 4.95 -42.35 -5.49
N LYS A 154 4.05 -42.86 -6.33
CA LYS A 154 4.42 -43.97 -7.22
C LYS A 154 5.44 -43.52 -8.26
N ASP A 155 5.30 -42.31 -8.80
CA ASP A 155 6.19 -41.85 -9.84
C ASP A 155 7.60 -41.58 -9.31
N SER A 156 7.69 -40.87 -8.18
CA SER A 156 9.00 -40.47 -7.65
C SER A 156 9.63 -41.53 -6.76
N GLY A 157 8.83 -42.34 -6.07
CA GLY A 157 9.34 -43.32 -5.14
C GLY A 157 9.34 -42.90 -3.69
N LYS A 158 9.16 -41.61 -3.41
CA LYS A 158 9.08 -41.11 -2.05
C LYS A 158 7.66 -41.23 -1.53
N GLY A 159 7.53 -41.44 -0.23
CA GLY A 159 6.22 -41.65 0.37
C GLY A 159 5.35 -40.41 0.32
N THR A 160 4.05 -40.65 0.51
CA THR A 160 3.08 -39.55 0.48
C THR A 160 3.22 -38.63 1.69
N HIS A 161 3.67 -39.16 2.82
CA HIS A 161 3.74 -38.40 4.05
C HIS A 161 5.07 -37.67 4.16
N ARG A 162 5.00 -36.37 4.46
CA ARG A 162 6.16 -35.54 4.76
C ARG A 162 6.09 -35.14 6.22
N TYR A 163 7.14 -35.43 6.97
CA TYR A 163 7.20 -35.16 8.40
C TYR A 163 7.87 -33.81 8.63
N PHE A 164 7.09 -32.82 9.03
CA PHE A 164 7.59 -31.47 9.25
C PHE A 164 7.99 -31.32 10.72
N LEU A 165 9.27 -31.08 10.96
CA LEU A 165 9.80 -30.87 12.31
C LEU A 165 9.52 -29.44 12.73
N VAL A 166 8.36 -29.24 13.36
CA VAL A 166 7.97 -27.90 13.81
C VAL A 166 8.75 -27.51 15.05
N ALA A 167 8.78 -26.21 15.36
CA ALA A 167 9.51 -25.69 16.51
C ALA A 167 8.50 -25.37 17.61
N VAL A 168 8.43 -26.23 18.61
CA VAL A 168 7.55 -26.03 19.77
C VAL A 168 8.47 -25.94 20.98
N ARG A 169 8.83 -24.72 21.36
CA ARG A 169 9.78 -24.50 22.45
C ARG A 169 9.22 -23.59 23.54
N ASP A 170 7.94 -23.27 23.50
CA ASP A 170 7.29 -22.44 24.52
C ASP A 170 6.45 -23.32 25.43
N SER A 171 6.36 -22.92 26.70
CA SER A 171 5.54 -23.68 27.64
C SER A 171 4.07 -23.67 27.23
N SER A 172 3.52 -22.50 26.90
CA SER A 172 2.14 -22.42 26.46
C SER A 172 1.93 -23.15 25.13
N THR A 173 2.89 -23.00 24.22
CA THR A 173 2.80 -23.70 22.95
C THR A 173 2.86 -25.21 23.13
N ARG A 174 3.73 -25.68 24.03
CA ARG A 174 3.76 -27.11 24.34
C ARG A 174 2.44 -27.58 24.93
N MET A 175 1.87 -26.77 25.83
CA MET A 175 0.60 -27.16 26.46
C MET A 175 -0.51 -27.28 25.42
N ILE A 176 -0.62 -26.29 24.52
CA ILE A 176 -1.69 -26.36 23.52
C ILE A 176 -1.41 -27.47 22.51
N PHE A 177 -0.13 -27.73 22.18
CA PHE A 177 0.21 -28.82 21.28
C PHE A 177 -0.18 -30.16 21.87
N ASP A 178 0.11 -30.38 23.16
CA ASP A 178 -0.26 -31.63 23.80
C ASP A 178 -1.76 -31.73 24.08
N ARG A 179 -2.46 -30.59 24.16
CA ARG A 179 -3.90 -30.64 24.33
C ARG A 179 -4.61 -30.97 23.02
N ILE A 180 -4.09 -30.47 21.91
CA ILE A 180 -4.66 -30.81 20.61
C ILE A 180 -4.18 -32.16 20.10
N MET A 181 -3.06 -32.67 20.63
CA MET A 181 -2.55 -33.97 20.18
C MET A 181 -3.53 -35.09 20.49
N SER A 182 -4.13 -35.08 21.68
CA SER A 182 -5.02 -36.13 22.13
C SER A 182 -6.40 -35.55 22.40
N LYS A 183 -7.43 -36.23 21.90
CA LYS A 183 -8.81 -35.80 22.10
C LYS A 183 -9.41 -36.35 23.39
N ASP A 184 -8.78 -37.34 24.01
CA ASP A 184 -9.25 -37.94 25.25
C ASP A 184 -10.68 -38.47 25.13
N LYS A 190 -11.94 -31.08 28.22
CA LYS A 190 -11.54 -29.94 27.42
C LYS A 190 -10.36 -30.29 26.51
N SER A 191 -10.67 -30.77 25.31
CA SER A 191 -9.66 -31.15 24.33
C SER A 191 -9.82 -30.31 23.08
N TYR A 192 -8.69 -29.98 22.46
CA TYR A 192 -8.66 -29.13 21.27
C TYR A 192 -8.87 -29.97 20.02
N THR A 193 -9.61 -29.42 19.06
CA THR A 193 -9.91 -30.08 17.80
C THR A 193 -9.10 -29.43 16.69
N GLN A 194 -8.50 -30.26 15.84
CA GLN A 194 -7.62 -29.77 14.78
C GLN A 194 -8.43 -28.98 13.75
N GLY A 195 -7.71 -28.41 12.78
CA GLY A 195 -8.33 -27.59 11.76
C GLY A 195 -7.58 -27.59 10.45
N GLN A 196 -7.91 -26.66 9.56
CA GLN A 196 -7.27 -26.58 8.25
C GLN A 196 -5.82 -26.15 8.41
N LEU A 197 -4.91 -27.10 8.27
CA LEU A 197 -3.48 -26.79 8.33
C LEU A 197 -3.09 -25.86 7.19
N GLN A 198 -2.18 -24.93 7.47
CA GLN A 198 -1.77 -23.92 6.51
C GLN A 198 -0.24 -23.81 6.50
N ILE A 199 0.36 -24.09 5.35
CA ILE A 199 1.80 -23.95 5.16
C ILE A 199 2.02 -22.64 4.41
N LYS A 200 2.43 -21.60 5.14
CA LYS A 200 2.61 -20.27 4.58
C LYS A 200 4.00 -19.76 4.93
N LYS A 201 4.55 -18.92 4.06
CA LYS A 201 5.90 -18.43 4.18
C LYS A 201 5.90 -16.95 4.56
N ASP A 202 6.83 -16.56 5.43
CA ASP A 202 7.02 -15.16 5.75
C ASP A 202 7.82 -14.47 4.66
N HIS A 203 7.93 -13.15 4.76
CA HIS A 203 8.70 -12.39 3.78
C HIS A 203 10.18 -12.72 3.85
N GLN A 204 10.68 -13.09 5.03
CA GLN A 204 12.08 -13.47 5.17
C GLN A 204 12.38 -14.75 4.40
N GLY A 205 11.45 -15.69 4.40
CA GLY A 205 11.64 -16.95 3.71
C GLY A 205 11.42 -18.17 4.59
N LYS A 206 11.01 -17.93 5.83
CA LYS A 206 10.75 -19.02 6.76
C LYS A 206 9.34 -19.57 6.55
N TRP A 207 9.21 -20.89 6.73
CA TRP A 207 7.95 -21.59 6.50
C TRP A 207 7.28 -21.89 7.83
N TYR A 208 5.97 -21.67 7.88
CA TYR A 208 5.18 -21.91 9.08
C TYR A 208 4.04 -22.89 8.78
N CYS A 209 3.83 -23.82 9.70
CA CYS A 209 2.66 -24.69 9.70
C CYS A 209 1.71 -24.17 10.77
N ILE A 210 0.59 -23.59 10.34
CA ILE A 210 -0.35 -22.91 11.21
C ILE A 210 -1.53 -23.83 11.47
N ILE A 211 -1.80 -24.12 12.74
CA ILE A 211 -2.87 -25.04 13.12
C ILE A 211 -3.99 -24.27 13.79
N PRO A 212 -5.05 -23.90 13.07
CA PRO A 212 -6.22 -23.27 13.70
C PRO A 212 -7.06 -24.32 14.42
N TYR A 213 -7.01 -24.29 15.75
CA TYR A 213 -7.68 -25.29 16.57
C TYR A 213 -8.94 -24.69 17.18
N THR A 214 -10.04 -25.44 17.10
CA THR A 214 -11.29 -25.05 17.74
C THR A 214 -11.32 -25.61 19.16
N PHE A 215 -11.49 -24.73 20.13
CA PHE A 215 -11.45 -25.12 21.53
C PHE A 215 -12.71 -24.64 22.24
N PRO A 216 -13.16 -25.37 23.25
CA PRO A 216 -14.35 -24.93 24.00
C PRO A 216 -14.09 -23.63 24.75
N THR A 217 -15.13 -22.80 24.83
CA THR A 217 -15.03 -21.53 25.55
C THR A 217 -14.79 -21.79 27.02
N HIS A 218 -13.87 -21.02 27.62
CA HIS A 218 -13.54 -21.18 29.03
C HIS A 218 -14.77 -20.91 29.89
N GLU A 219 -15.01 -21.79 30.86
CA GLU A 219 -16.17 -21.68 31.75
C GLU A 219 -15.85 -20.87 33.00
N THR A 220 -15.35 -19.65 32.79
CA THR A 220 -15.05 -18.74 33.90
C THR A 220 -16.33 -18.00 34.31
N VAL A 221 -16.57 -17.95 35.61
CA VAL A 221 -17.79 -17.33 36.13
C VAL A 221 -17.64 -15.82 36.12
N LEU A 222 -18.12 -15.18 35.05
CA LEU A 222 -18.11 -13.73 34.92
C LEU A 222 -19.54 -13.22 34.89
N ASP A 223 -19.84 -12.25 35.75
CA ASP A 223 -21.18 -11.70 35.82
C ASP A 223 -21.47 -10.84 34.59
N PRO A 224 -22.49 -11.16 33.79
CA PRO A 224 -22.80 -10.32 32.63
C PRO A 224 -23.34 -8.94 33.00
N ASP A 225 -23.80 -8.75 34.23
CA ASP A 225 -24.31 -7.45 34.64
C ASP A 225 -23.20 -6.40 34.64
N LYS A 226 -22.01 -6.76 35.11
CA LYS A 226 -20.88 -5.83 35.12
C LYS A 226 -20.35 -5.67 33.70
N VAL A 227 -20.33 -4.43 33.21
CA VAL A 227 -19.89 -4.11 31.86
C VAL A 227 -18.77 -3.10 31.95
N MET A 228 -17.74 -3.27 31.11
CA MET A 228 -16.59 -2.40 31.06
C MET A 228 -16.51 -1.75 29.68
N GLY A 229 -16.36 -0.44 29.65
CA GLY A 229 -16.27 0.31 28.40
C GLY A 229 -14.83 0.54 28.00
N VAL A 230 -14.61 0.68 26.69
CA VAL A 230 -13.27 0.84 26.13
C VAL A 230 -13.29 2.07 25.21
N ASP A 231 -12.52 3.08 25.57
CA ASP A 231 -12.46 4.33 24.81
C ASP A 231 -11.15 4.42 24.06
N LEU A 232 -11.23 4.72 22.76
CA LEU A 232 -10.06 4.88 21.90
C LEU A 232 -9.92 6.36 21.54
N GLY A 233 -8.91 7.01 22.11
CA GLY A 233 -8.65 8.41 21.84
C GLY A 233 -7.78 8.61 20.61
N VAL A 234 -7.41 9.88 20.40
CA VAL A 234 -6.56 10.22 19.26
C VAL A 234 -5.10 9.94 19.58
N ALA A 235 -4.57 10.60 20.61
CA ALA A 235 -3.21 10.36 21.08
C ALA A 235 -3.16 9.40 22.24
N LYS A 236 -4.07 9.54 23.21
CA LYS A 236 -4.23 8.56 24.27
C LYS A 236 -4.78 7.28 23.67
N ALA A 237 -4.01 6.19 23.76
CA ALA A 237 -4.35 4.96 23.07
C ALA A 237 -5.69 4.39 23.51
N VAL A 238 -5.79 3.97 24.77
CA VAL A 238 -6.99 3.30 25.26
C VAL A 238 -7.18 3.61 26.75
N TYR A 239 -8.43 3.85 27.14
CA TYR A 239 -8.80 4.02 28.54
C TYR A 239 -10.08 3.24 28.80
N TRP A 240 -10.09 2.45 29.87
CA TRP A 240 -11.22 1.60 30.21
C TRP A 240 -11.77 1.97 31.58
N ALA A 241 -13.07 1.73 31.76
CA ALA A 241 -13.73 1.98 33.04
C ALA A 241 -14.86 0.97 33.21
N PHE A 242 -15.27 0.77 34.45
CA PHE A 242 -16.31 -0.19 34.80
C PHE A 242 -17.59 0.55 35.19
N ASN A 243 -18.73 0.03 34.73
CA ASN A 243 -20.01 0.66 35.04
C ASN A 243 -20.42 0.37 36.49
N SER A 244 -20.26 -0.87 36.95
CA SER A 244 -20.72 -1.27 38.27
C SER A 244 -19.72 -0.96 39.37
N SER A 245 -18.48 -0.66 39.03
CA SER A 245 -17.46 -0.33 40.02
C SER A 245 -16.70 0.92 39.59
N TYR A 246 -16.30 1.72 40.56
CA TYR A 246 -15.58 2.96 40.28
C TYR A 246 -14.14 2.72 39.84
N LYS A 247 -13.64 1.48 39.95
CA LYS A 247 -12.31 1.17 39.48
C LYS A 247 -12.24 1.30 37.96
N ARG A 248 -11.04 1.62 37.46
CA ARG A 248 -10.83 1.80 36.03
C ARG A 248 -9.34 1.62 35.75
N GLY A 249 -8.95 1.93 34.52
CA GLY A 249 -7.54 1.82 34.12
C GLY A 249 -7.36 2.40 32.74
N CYS A 250 -6.10 2.51 32.34
CA CYS A 250 -5.78 3.08 31.04
C CYS A 250 -4.35 2.69 30.65
N ILE A 251 -4.05 2.88 29.37
CA ILE A 251 -2.72 2.65 28.83
C ILE A 251 -2.61 3.42 27.52
N ASP A 252 -1.44 4.04 27.31
CA ASP A 252 -1.20 4.84 26.12
C ASP A 252 -0.02 4.28 25.34
N GLY A 253 0.23 4.87 24.18
CA GLY A 253 1.25 4.38 23.28
C GLY A 253 2.62 5.01 23.45
N GLY A 254 3.58 4.21 23.92
CA GLY A 254 4.97 4.64 23.94
C GLY A 254 5.66 4.20 22.66
N GLU A 255 6.15 5.18 21.89
CA GLU A 255 6.67 4.93 20.54
C GLU A 255 5.62 4.22 19.69
N ILE A 256 4.37 4.64 19.82
CA ILE A 256 3.27 4.01 19.10
C ILE A 256 3.40 4.29 17.61
N GLU A 257 3.72 5.52 17.23
CA GLU A 257 3.93 5.90 15.84
C GLU A 257 5.39 6.16 15.51
N HIS A 258 6.26 6.30 16.51
CA HIS A 258 7.67 6.53 16.24
C HIS A 258 8.30 5.36 15.52
N PHE A 259 7.95 4.14 15.90
CA PHE A 259 8.48 2.95 15.22
C PHE A 259 8.04 2.92 13.77
N ARG A 260 6.76 3.20 13.51
CA ARG A 260 6.28 3.25 12.13
C ARG A 260 7.01 4.31 11.33
N LYS A 261 7.20 5.49 11.92
CA LYS A 261 7.88 6.58 11.22
C LYS A 261 9.31 6.21 10.90
N MET A 262 10.03 5.61 11.86
CA MET A 262 11.44 5.29 11.62
C MET A 262 11.57 4.15 10.60
N ILE A 263 10.66 3.17 10.65
CA ILE A 263 10.73 2.08 9.67
C ILE A 263 10.43 2.61 8.28
N ARG A 264 9.42 3.47 8.14
CA ARG A 264 9.10 4.03 6.84
C ARG A 264 10.23 4.92 6.33
N ALA A 265 10.86 5.70 7.22
CA ALA A 265 11.98 6.54 6.81
C ALA A 265 13.16 5.69 6.35
N ARG A 266 13.46 4.61 7.07
CA ARG A 266 14.53 3.73 6.65
C ARG A 266 14.23 3.09 5.29
N ARG A 267 12.97 2.66 5.10
CA ARG A 267 12.59 2.07 3.82
C ARG A 267 12.72 3.07 2.68
N VAL A 268 12.30 4.32 2.91
CA VAL A 268 12.42 5.34 1.87
C VAL A 268 13.89 5.63 1.57
N SER A 269 14.72 5.72 2.61
CA SER A 269 16.14 5.97 2.40
C SER A 269 16.80 4.85 1.61
N ILE A 270 16.44 3.60 1.91
CA ILE A 270 17.04 2.47 1.18
C ILE A 270 16.52 2.43 -0.25
N GLN A 271 15.24 2.72 -0.45
CA GLN A 271 14.67 2.71 -1.80
C GLN A 271 15.27 3.80 -2.67
N ASN A 272 15.52 4.98 -2.10
CA ASN A 272 16.13 6.06 -2.87
C ASN A 272 17.57 5.77 -3.24
N GLN A 273 18.21 4.80 -2.58
CA GLN A 273 19.61 4.51 -2.84
C GLN A 273 19.82 3.77 -4.16
N ILE A 274 18.77 3.14 -4.71
CA ILE A 274 18.93 2.37 -5.95
C ILE A 274 19.31 3.29 -7.10
N LYS A 275 18.91 4.56 -7.04
CA LYS A 275 19.25 5.50 -8.10
C LYS A 275 20.74 5.71 -8.24
N HIS A 276 21.51 5.48 -7.17
CA HIS A 276 22.96 5.60 -7.20
C HIS A 276 23.62 4.35 -6.64
N SER A 277 22.94 3.22 -6.72
CA SER A 277 23.46 1.96 -6.19
C SER A 277 24.44 1.34 -7.18
N GLY A 278 24.85 0.11 -6.92
CA GLY A 278 25.76 -0.60 -7.80
C GLY A 278 25.07 -1.13 -9.04
N ASP A 279 25.87 -1.79 -9.88
CA ASP A 279 25.38 -2.31 -11.16
C ASP A 279 24.51 -3.56 -10.99
N ALA A 280 24.44 -4.13 -9.79
CA ALA A 280 23.69 -5.36 -9.58
C ALA A 280 22.22 -5.10 -9.27
N ARG A 281 21.93 -4.20 -8.32
CA ARG A 281 20.56 -3.91 -7.97
C ARG A 281 19.79 -3.28 -9.12
N LYS A 282 20.46 -2.46 -9.93
CA LYS A 282 19.82 -1.75 -11.02
C LYS A 282 19.63 -2.60 -12.27
N GLY A 283 20.14 -3.83 -12.29
CA GLY A 283 20.06 -4.63 -13.49
C GLY A 283 19.78 -6.10 -13.29
N HIS A 284 19.05 -6.47 -12.22
CA HIS A 284 18.76 -7.87 -11.99
C HIS A 284 17.33 -8.08 -11.48
N GLY A 285 16.41 -7.20 -11.86
CA GLY A 285 15.01 -7.39 -11.56
C GLY A 285 14.56 -6.60 -10.34
N ARG A 286 13.23 -6.60 -10.15
CA ARG A 286 12.63 -5.88 -9.03
C ARG A 286 12.90 -6.58 -7.70
N LYS A 287 12.88 -7.91 -7.69
CA LYS A 287 13.15 -8.64 -6.45
C LYS A 287 14.58 -8.40 -5.99
N ARG A 288 15.53 -8.36 -6.92
CA ARG A 288 16.91 -8.07 -6.56
C ARG A 288 17.06 -6.64 -6.03
N ALA A 289 16.16 -5.74 -6.44
CA ALA A 289 16.21 -4.36 -5.96
C ALA A 289 15.51 -4.19 -4.63
N LEU A 290 14.51 -5.00 -4.33
CA LEU A 290 13.79 -4.93 -3.06
C LEU A 290 14.26 -5.99 -2.07
N LYS A 291 15.35 -6.69 -2.39
CA LYS A 291 15.94 -7.61 -1.44
C LYS A 291 16.37 -6.91 -0.14
N PRO A 292 17.05 -5.75 -0.20
CA PRO A 292 17.28 -5.01 1.06
C PRO A 292 15.99 -4.57 1.73
N ILE A 293 14.97 -4.22 0.96
CA ILE A 293 13.68 -3.84 1.51
C ILE A 293 12.93 -5.03 2.11
N GLU A 294 13.30 -6.26 1.71
CA GLU A 294 12.56 -7.44 2.14
C GLU A 294 12.55 -7.59 3.66
N THR A 295 13.64 -7.19 4.31
CA THR A 295 13.67 -7.25 5.77
C THR A 295 12.64 -6.32 6.40
N LEU A 296 12.42 -5.14 5.81
CA LEU A 296 11.43 -4.19 6.27
C LEU A 296 10.02 -4.49 5.75
N SER A 297 9.79 -5.70 5.25
CA SER A 297 8.49 -6.03 4.65
C SER A 297 7.37 -6.04 5.68
N GLU A 298 7.66 -6.42 6.92
CA GLU A 298 6.59 -6.56 7.91
C GLU A 298 7.01 -6.09 9.31
N LYS A 299 8.00 -5.21 9.42
CA LYS A 299 8.42 -4.75 10.74
C LYS A 299 7.31 -3.98 11.44
N GLU A 300 6.76 -2.95 10.78
CA GLU A 300 5.70 -2.18 11.40
C GLU A 300 4.35 -2.88 11.33
N LYS A 301 4.13 -3.72 10.31
CA LYS A 301 2.90 -4.50 10.25
C LYS A 301 2.82 -5.48 11.42
N ASN A 302 3.94 -6.12 11.74
CA ASN A 302 3.95 -7.06 12.87
C ASN A 302 4.07 -6.33 14.21
N PHE A 303 4.67 -5.14 14.22
CA PHE A 303 4.64 -4.32 15.42
C PHE A 303 3.25 -3.79 15.70
N ARG A 304 2.40 -3.70 14.68
CA ARG A 304 0.98 -3.45 14.90
C ARG A 304 0.37 -4.58 15.73
N ASP A 305 0.67 -5.83 15.36
CA ASP A 305 0.08 -6.97 16.07
C ASP A 305 0.65 -7.11 17.47
N THR A 306 1.94 -6.83 17.65
CA THR A 306 2.53 -6.93 18.99
C THR A 306 1.92 -5.93 19.94
N ILE A 307 1.73 -4.69 19.49
CA ILE A 307 1.18 -3.65 20.36
C ILE A 307 -0.31 -3.89 20.61
N ASN A 308 -1.05 -4.25 19.55
CA ASN A 308 -2.48 -4.50 19.71
C ASN A 308 -2.76 -5.73 20.56
N HIS A 309 -1.88 -6.74 20.48
CA HIS A 309 -2.02 -7.90 21.36
C HIS A 309 -1.84 -7.49 22.82
N ARG A 310 -0.84 -6.65 23.10
CA ARG A 310 -0.60 -6.20 24.47
C ARG A 310 -1.77 -5.36 24.98
N TYR A 311 -2.29 -4.45 24.15
CA TYR A 311 -3.38 -3.60 24.59
C TYR A 311 -4.66 -4.41 24.80
N ALA A 312 -4.95 -5.34 23.89
CA ALA A 312 -6.13 -6.19 24.04
C ALA A 312 -6.00 -7.11 25.26
N ASN A 313 -4.78 -7.59 25.53
CA ASN A 313 -4.57 -8.46 26.69
C ASN A 313 -4.88 -7.73 27.99
N ARG A 314 -4.43 -6.48 28.12
CA ARG A 314 -4.70 -5.72 29.33
C ARG A 314 -6.18 -5.36 29.45
N ILE A 315 -6.85 -5.15 28.31
CA ILE A 315 -8.28 -4.85 28.34
C ILE A 315 -9.07 -6.07 28.80
N VAL A 316 -8.75 -7.25 28.26
CA VAL A 316 -9.49 -8.45 28.64
C VAL A 316 -9.10 -8.91 30.03
N GLU A 317 -7.83 -8.74 30.42
CA GLU A 317 -7.41 -9.14 31.77
C GLU A 317 -8.08 -8.27 32.84
N ALA A 318 -8.27 -6.98 32.55
CA ALA A 318 -8.93 -6.10 33.51
C ALA A 318 -10.38 -6.54 33.74
N ALA A 319 -11.08 -6.94 32.68
CA ALA A 319 -12.43 -7.45 32.84
C ALA A 319 -12.44 -8.76 33.62
N ILE A 320 -11.47 -9.64 33.36
CA ILE A 320 -11.43 -10.93 34.04
C ILE A 320 -11.15 -10.76 35.52
N LYS A 321 -10.23 -9.84 35.87
CA LYS A 321 -9.89 -9.63 37.27
C LYS A 321 -11.07 -9.06 38.06
N GLN A 322 -11.85 -8.17 37.43
CA GLN A 322 -12.96 -7.51 38.09
C GLN A 322 -14.30 -8.20 37.84
N GLY A 323 -14.31 -9.32 37.13
CA GLY A 323 -15.52 -10.07 36.89
C GLY A 323 -16.46 -9.46 35.87
N CYS A 324 -16.01 -8.47 35.10
CA CYS A 324 -16.86 -7.84 34.09
C CYS A 324 -17.06 -8.80 32.92
N GLY A 325 -18.27 -9.33 32.79
CA GLY A 325 -18.60 -10.28 31.75
C GLY A 325 -18.95 -9.69 30.40
N THR A 326 -18.92 -8.36 30.27
CA THR A 326 -19.23 -7.71 29.00
C THR A 326 -18.22 -6.59 28.76
N ILE A 327 -17.92 -6.35 27.49
CA ILE A 327 -16.98 -5.31 27.06
C ILE A 327 -17.65 -4.48 25.98
N GLN A 328 -17.66 -3.16 26.17
CA GLN A 328 -18.22 -2.25 25.18
C GLN A 328 -17.10 -1.71 24.29
N ILE A 329 -17.35 -1.70 22.99
CA ILE A 329 -16.40 -1.23 22.00
C ILE A 329 -17.09 -0.24 21.08
N GLU A 330 -16.47 0.92 20.89
CA GLU A 330 -17.01 1.91 19.97
C GLU A 330 -16.83 1.46 18.53
N ASN A 331 -17.78 1.86 17.68
CA ASN A 331 -17.77 1.48 16.27
C ASN A 331 -17.01 2.53 15.48
N LEU A 332 -15.98 2.09 14.76
CA LEU A 332 -15.18 3.01 13.95
C LEU A 332 -15.87 3.34 12.64
N TRP A 347 -3.86 4.82 13.00
CA TRP A 347 -3.69 3.70 13.92
C TRP A 347 -4.82 2.68 13.73
N PRO A 348 -4.48 1.39 13.76
CA PRO A 348 -5.48 0.34 13.54
C PRO A 348 -6.43 0.14 14.70
N TYR A 349 -7.47 0.98 14.80
CA TYR A 349 -8.46 0.81 15.85
C TYR A 349 -9.24 -0.49 15.68
N TYR A 350 -9.66 -0.79 14.46
CA TYR A 350 -10.45 -1.99 14.21
C TYR A 350 -9.64 -3.26 14.49
N ASP A 351 -8.34 -3.24 14.21
CA ASP A 351 -7.52 -4.41 14.51
C ASP A 351 -7.48 -4.66 16.01
N LEU A 352 -7.33 -3.60 16.81
CA LEU A 352 -7.39 -3.76 18.26
C LEU A 352 -8.75 -4.26 18.70
N GLN A 353 -9.83 -3.74 18.10
CA GLN A 353 -11.16 -4.21 18.44
C GLN A 353 -11.34 -5.69 18.11
N THR A 354 -10.82 -6.12 16.96
CA THR A 354 -10.91 -7.53 16.59
C THR A 354 -10.12 -8.41 17.56
N LYS A 355 -8.92 -7.97 17.95
CA LYS A 355 -8.16 -8.72 18.94
C LYS A 355 -8.90 -8.78 20.27
N ILE A 356 -9.58 -7.69 20.65
CA ILE A 356 -10.37 -7.68 21.88
C ILE A 356 -11.51 -8.68 21.80
N VAL A 357 -12.28 -8.64 20.71
CA VAL A 357 -13.44 -9.51 20.60
C VAL A 357 -13.05 -10.96 20.42
N ASN A 358 -11.82 -11.25 19.97
CA ASN A 358 -11.37 -12.63 19.87
C ASN A 358 -10.72 -13.13 21.15
N LYS A 359 -10.04 -12.26 21.90
CA LYS A 359 -9.43 -12.68 23.15
C LYS A 359 -10.47 -12.79 24.27
N ALA A 360 -11.48 -11.93 24.26
CA ALA A 360 -12.56 -12.04 25.23
C ALA A 360 -13.47 -13.22 24.94
N LYS A 361 -13.61 -13.59 23.66
CA LYS A 361 -14.39 -14.78 23.31
C LYS A 361 -13.76 -16.03 23.91
N GLU A 362 -12.44 -16.05 24.05
CA GLU A 362 -11.77 -17.16 24.73
C GLU A 362 -12.21 -17.26 26.18
N HIS A 363 -12.37 -16.13 26.86
CA HIS A 363 -12.76 -16.11 28.27
C HIS A 363 -14.27 -16.05 28.46
N GLY A 364 -15.05 -16.07 27.38
CA GLY A 364 -16.50 -16.06 27.51
C GLY A 364 -17.12 -14.70 27.73
N ILE A 365 -16.42 -13.62 27.37
CA ILE A 365 -16.92 -12.26 27.58
C ILE A 365 -17.47 -11.75 26.26
N THR A 366 -18.77 -11.49 26.23
CA THR A 366 -19.41 -10.96 25.04
C THR A 366 -19.07 -9.48 24.86
N VAL A 367 -18.88 -9.07 23.60
CA VAL A 367 -18.54 -7.70 23.25
C VAL A 367 -19.72 -7.09 22.51
N VAL A 368 -20.19 -5.94 22.98
CA VAL A 368 -21.28 -5.19 22.38
C VAL A 368 -20.72 -3.94 21.72
N ALA A 369 -21.06 -3.72 20.45
CA ALA A 369 -20.58 -2.58 19.69
C ALA A 369 -21.65 -1.48 19.68
N ILE A 370 -21.24 -0.26 20.04
CA ILE A 370 -22.14 0.87 20.11
C ILE A 370 -21.54 2.04 19.35
N ASN A 371 -22.41 2.97 18.96
CA ASN A 371 -21.98 4.15 18.22
C ASN A 371 -21.36 5.16 19.18
N PRO A 372 -20.12 5.60 18.95
CA PRO A 372 -19.49 6.56 19.87
C PRO A 372 -19.91 8.00 19.63
N GLN A 373 -20.97 8.20 18.86
CA GLN A 373 -21.42 9.56 18.55
C GLN A 373 -21.88 10.26 19.83
N TYR A 374 -21.33 11.45 20.07
CA TYR A 374 -21.62 12.29 21.22
C TYR A 374 -21.33 11.61 22.55
N THR A 375 -20.57 10.50 22.54
CA THR A 375 -20.25 9.81 23.78
C THR A 375 -19.36 10.67 24.68
N SER A 376 -18.35 11.34 24.11
CA SER A 376 -17.49 12.18 24.91
C SER A 376 -18.22 13.42 25.39
N GLN A 377 -19.10 13.98 24.56
CA GLN A 377 -19.85 15.17 24.97
C GLN A 377 -20.77 14.88 26.15
N ARG A 378 -21.43 13.73 26.14
CA ARG A 378 -22.35 13.39 27.23
C ARG A 378 -21.57 13.15 28.51
N CYS A 379 -22.09 13.72 29.61
CA CYS A 379 -21.46 13.55 30.91
C CYS A 379 -21.63 12.12 31.39
N SER A 380 -20.59 11.59 32.04
CA SER A 380 -20.62 10.23 32.56
C SER A 380 -21.48 10.11 33.82
N MET A 381 -21.77 11.22 34.50
CA MET A 381 -22.53 11.21 35.73
C MET A 381 -23.99 11.58 35.54
N CYS A 382 -24.26 12.74 34.92
CA CYS A 382 -25.62 13.22 34.76
C CYS A 382 -26.22 12.88 33.40
N GLY A 383 -25.41 12.59 32.39
CA GLY A 383 -25.91 12.25 31.08
C GLY A 383 -26.32 13.42 30.22
N TYR A 384 -26.12 14.66 30.67
CA TYR A 384 -26.48 15.82 29.87
C TYR A 384 -25.50 16.00 28.70
N ILE A 385 -25.98 16.68 27.66
CA ILE A 385 -25.19 16.93 26.46
C ILE A 385 -24.70 18.38 26.49
N GLU A 386 -23.49 18.59 25.99
CA GLU A 386 -22.90 19.92 25.94
C GLU A 386 -22.04 20.04 24.69
N LYS A 387 -21.79 21.29 24.29
CA LYS A 387 -20.99 21.57 23.11
C LYS A 387 -19.63 22.18 23.42
N THR A 388 -19.49 22.87 24.56
CA THR A 388 -18.22 23.46 24.93
C THR A 388 -17.19 22.45 25.40
N ASN A 389 -17.60 21.22 25.68
CA ASN A 389 -16.66 20.19 26.14
C ASN A 389 -15.71 19.73 25.04
N ARG A 390 -16.03 20.02 23.78
CA ARG A 390 -15.15 19.61 22.69
C ARG A 390 -13.83 20.37 22.73
N SER A 391 -13.86 21.66 23.10
CA SER A 391 -12.64 22.45 23.14
C SER A 391 -11.67 21.94 24.19
N SER A 392 -12.17 21.57 25.36
CA SER A 392 -11.34 21.08 26.45
C SER A 392 -11.22 19.56 26.35
N GLN A 393 -10.04 19.09 25.95
CA GLN A 393 -9.79 17.66 25.82
C GLN A 393 -8.83 17.10 26.87
N ALA A 394 -8.03 17.95 27.51
CA ALA A 394 -7.12 17.47 28.55
C ALA A 394 -7.90 16.94 29.75
N VAL A 395 -8.96 17.63 30.16
CA VAL A 395 -9.79 17.22 31.28
C VAL A 395 -11.25 17.47 30.93
N PHE A 396 -12.14 16.81 31.67
CA PHE A 396 -13.57 16.93 31.50
C PHE A 396 -14.18 17.54 32.76
N GLU A 397 -14.92 18.63 32.59
CA GLU A 397 -15.66 19.27 33.67
C GLU A 397 -17.06 19.60 33.16
N CYS A 398 -18.07 19.01 33.77
CA CYS A 398 -19.45 19.27 33.38
C CYS A 398 -19.94 20.53 34.07
N LYS A 399 -20.36 21.52 33.28
CA LYS A 399 -20.77 22.81 33.84
C LYS A 399 -22.07 22.67 34.63
N GLN A 400 -22.96 21.77 34.22
CA GLN A 400 -24.29 21.71 34.83
C GLN A 400 -24.26 20.96 36.17
N CYS A 401 -23.92 19.68 36.15
CA CYS A 401 -23.92 18.90 37.38
C CYS A 401 -22.71 19.18 38.26
N GLY A 402 -21.56 19.49 37.67
CA GLY A 402 -20.37 19.70 38.45
C GLY A 402 -19.68 18.45 38.90
N TYR A 403 -19.81 17.35 38.14
CA TYR A 403 -19.18 16.10 38.51
C TYR A 403 -17.66 16.23 38.53
N GLY A 404 -17.10 16.92 37.54
CA GLY A 404 -15.66 17.09 37.48
C GLY A 404 -15.19 18.34 38.21
N SER A 405 -16.13 19.24 38.51
CA SER A 405 -15.77 20.46 39.22
C SER A 405 -15.41 20.17 40.67
N ARG A 406 -16.16 19.28 41.31
CA ARG A 406 -15.90 18.93 42.70
C ARG A 406 -14.75 17.93 42.83
N ASN A 433 -10.40 15.87 39.85
CA ASN A 433 -10.19 16.02 38.42
C ASN A 433 -10.50 14.72 37.68
N VAL A 434 -11.33 14.82 36.65
CA VAL A 434 -11.74 13.68 35.84
C VAL A 434 -11.23 13.89 34.43
N ASN A 435 -10.48 12.91 33.92
CA ASN A 435 -9.96 13.00 32.56
C ASN A 435 -11.10 12.82 31.55
N ALA A 436 -10.92 13.44 30.38
CA ALA A 436 -11.93 13.31 29.32
C ALA A 436 -12.02 11.88 28.82
N ASP A 437 -10.88 11.19 28.68
CA ASP A 437 -10.90 9.79 28.28
C ASP A 437 -11.61 8.94 29.33
N TYR A 438 -11.35 9.19 30.60
CA TYR A 438 -12.07 8.49 31.67
C TYR A 438 -13.55 8.79 31.62
N ASN A 439 -13.91 10.04 31.31
CA ASN A 439 -15.32 10.40 31.18
C ASN A 439 -15.99 9.62 30.06
N ALA A 440 -15.33 9.53 28.91
CA ALA A 440 -15.90 8.77 27.79
C ALA A 440 -16.01 7.29 28.11
N ALA A 441 -14.99 6.74 28.79
CA ALA A 441 -15.02 5.34 29.16
C ALA A 441 -16.18 5.04 30.11
N LYS A 442 -16.36 5.88 31.13
CA LYS A 442 -17.47 5.70 32.06
C LYS A 442 -18.81 5.91 31.38
N ASN A 443 -18.86 6.82 30.40
CA ASN A 443 -20.08 7.03 29.63
C ASN A 443 -20.47 5.76 28.87
N ILE A 444 -19.50 5.15 28.18
CA ILE A 444 -19.78 3.96 27.39
C ILE A 444 -19.79 2.68 28.21
N SER A 445 -19.49 2.76 29.51
CA SER A 445 -19.50 1.56 30.34
C SER A 445 -20.91 1.01 30.51
N THR A 446 -21.89 1.89 30.70
CA THR A 446 -23.25 1.43 30.97
C THR A 446 -23.85 0.76 29.73
N PRO A 447 -24.67 -0.27 29.92
CA PRO A 447 -25.31 -0.94 28.78
C PRO A 447 -26.35 -0.04 28.12
N TYR A 448 -26.60 -0.33 26.83
CA TYR A 448 -27.60 0.39 26.05
C TYR A 448 -27.29 1.89 26.00
N ILE A 449 -26.13 2.22 25.44
CA ILE A 449 -25.71 3.61 25.35
C ILE A 449 -26.19 4.27 24.06
N ASP A 450 -26.29 3.51 22.96
CA ASP A 450 -26.78 4.09 21.72
C ASP A 450 -28.21 4.58 21.86
N GLN A 451 -29.06 3.81 22.55
CA GLN A 451 -30.44 4.24 22.77
C GLN A 451 -30.50 5.50 23.63
N ILE A 452 -29.66 5.57 24.67
CA ILE A 452 -29.63 6.75 25.52
C ILE A 452 -29.19 7.98 24.71
N ILE A 453 -28.18 7.82 23.86
CA ILE A 453 -27.71 8.92 23.04
C ILE A 453 -28.80 9.36 22.07
N MET A 454 -29.50 8.41 21.45
CA MET A 454 -30.57 8.76 20.53
C MET A 454 -31.70 9.49 21.24
N GLU A 455 -32.05 9.03 22.45
CA GLU A 455 -33.13 9.68 23.19
C GLU A 455 -32.75 11.09 23.63
N LYS A 456 -31.53 11.26 24.16
CA LYS A 456 -31.12 12.56 24.65
C LYS A 456 -30.91 13.55 23.51
N CYS A 457 -30.36 13.09 22.39
CA CYS A 457 -30.10 13.98 21.27
C CYS A 457 -31.37 14.50 20.64
N LEU A 458 -32.43 13.68 20.60
CA LEU A 458 -33.69 14.13 20.03
C LEU A 458 -34.30 15.27 20.83
N GLU A 459 -34.22 15.19 22.16
CA GLU A 459 -34.76 16.26 23.00
C GLU A 459 -33.96 17.54 22.84
N LEU A 460 -32.63 17.44 22.87
CA LEU A 460 -31.78 18.61 22.75
C LEU A 460 -30.40 18.17 22.28
N GLY A 461 -29.72 19.06 21.57
CA GLY A 461 -28.38 18.80 21.08
C GLY A 461 -28.31 18.07 19.76
N ILE A 462 -29.45 17.86 19.09
CA ILE A 462 -29.49 17.17 17.80
C ILE A 462 -28.85 15.79 17.88
N VAL B 8 1.80 5.21 -21.07
CA VAL B 8 3.16 5.56 -20.69
C VAL B 8 3.19 6.93 -20.03
N LYS B 9 3.08 7.98 -20.84
CA LYS B 9 3.09 9.35 -20.36
C LYS B 9 1.67 9.90 -20.40
N ALA B 10 1.13 10.24 -19.24
CA ALA B 10 -0.23 10.75 -19.14
C ALA B 10 -0.35 11.63 -17.92
N ILE B 11 -1.41 12.45 -17.90
CA ILE B 11 -1.67 13.40 -16.83
C ILE B 11 -3.11 13.25 -16.37
N LYS B 12 -3.32 13.13 -15.06
CA LYS B 12 -4.65 13.06 -14.47
C LYS B 12 -5.17 14.47 -14.23
N LEU B 13 -6.38 14.75 -14.72
CA LEU B 13 -7.01 16.06 -14.59
C LEU B 13 -8.32 15.91 -13.84
N LYS B 14 -8.41 16.58 -12.69
CA LYS B 14 -9.63 16.55 -11.89
C LYS B 14 -10.79 17.16 -12.67
N ILE B 15 -11.96 16.53 -12.58
CA ILE B 15 -13.16 16.98 -13.29
C ILE B 15 -14.01 17.80 -12.34
N LEU B 16 -14.80 18.72 -12.90
CA LEU B 16 -15.70 19.54 -12.11
C LEU B 16 -17.17 19.27 -12.44
N ASP B 17 -17.57 19.38 -13.71
CA ASP B 17 -18.96 19.17 -14.09
C ASP B 17 -19.01 18.81 -15.57
N MET B 18 -20.21 18.50 -16.04
CA MET B 18 -20.47 18.17 -17.43
C MET B 18 -21.50 19.13 -18.00
N PHE B 19 -21.22 19.65 -19.19
CA PHE B 19 -22.10 20.60 -19.87
C PHE B 19 -22.45 20.09 -21.25
N LEU B 20 -23.71 20.27 -21.65
CA LEU B 20 -24.12 19.89 -22.99
C LEU B 20 -23.42 20.73 -24.06
N ASP B 21 -23.29 22.03 -23.81
CA ASP B 21 -22.67 22.97 -24.73
C ASP B 21 -21.23 23.23 -24.35
N PRO B 22 -20.41 23.72 -25.29
CA PRO B 22 -19.00 23.99 -24.99
C PRO B 22 -18.76 25.29 -24.23
N GLU B 23 -19.80 26.08 -23.96
CA GLU B 23 -19.67 27.35 -23.25
C GLU B 23 -19.78 27.18 -21.75
N CYS B 24 -19.95 25.95 -21.24
CA CYS B 24 -20.06 25.69 -19.81
C CYS B 24 -21.21 26.46 -19.16
N THR B 25 -22.32 26.61 -19.90
CA THR B 25 -23.48 27.34 -19.40
C THR B 25 -24.57 26.40 -18.91
N LYS B 26 -25.02 25.48 -19.76
CA LYS B 26 -26.07 24.54 -19.41
C LYS B 26 -25.44 23.24 -18.92
N GLN B 27 -25.52 23.00 -17.62
CA GLN B 27 -24.96 21.79 -17.03
C GLN B 27 -25.93 20.61 -17.21
N ASP B 28 -25.37 19.47 -17.58
CA ASP B 28 -26.16 18.24 -17.72
C ASP B 28 -26.46 17.68 -16.34
N ASP B 29 -27.72 17.74 -15.94
CA ASP B 29 -28.10 17.29 -14.61
C ASP B 29 -27.93 15.78 -14.47
N ASN B 30 -27.55 15.35 -13.27
CA ASN B 30 -27.34 13.94 -12.94
C ASN B 30 -26.32 13.30 -13.89
N TRP B 31 -25.27 14.05 -14.21
CA TRP B 31 -24.23 13.52 -15.08
C TRP B 31 -23.36 12.48 -14.37
N ARG B 32 -23.19 12.61 -13.05
CA ARG B 32 -22.39 11.63 -12.32
C ARG B 32 -23.02 10.25 -12.36
N LYS B 33 -24.34 10.17 -12.20
CA LYS B 33 -25.01 8.86 -12.26
C LYS B 33 -24.93 8.26 -13.66
N ASP B 34 -25.08 9.10 -14.69
CA ASP B 34 -24.96 8.61 -16.07
C ASP B 34 -23.56 8.09 -16.34
N LEU B 35 -22.54 8.81 -15.87
CA LEU B 35 -21.16 8.35 -16.07
C LEU B 35 -20.88 7.09 -15.29
N SER B 36 -21.46 6.95 -14.09
CA SER B 36 -21.26 5.73 -13.31
C SER B 36 -21.91 4.53 -13.99
N THR B 37 -23.13 4.70 -14.52
CA THR B 37 -23.77 3.61 -15.24
C THR B 37 -23.00 3.26 -16.51
N MET B 38 -22.48 4.28 -17.21
CA MET B 38 -21.68 4.02 -18.40
C MET B 38 -20.42 3.24 -18.05
N SER B 39 -19.75 3.61 -16.95
CA SER B 39 -18.55 2.89 -16.53
C SER B 39 -18.87 1.47 -16.10
N ARG B 40 -20.00 1.26 -15.43
CA ARG B 40 -20.40 -0.10 -15.06
C ARG B 40 -20.66 -0.94 -16.30
N PHE B 41 -21.33 -0.36 -17.31
CA PHE B 41 -21.55 -1.08 -18.56
C PHE B 41 -20.23 -1.40 -19.26
N CYS B 42 -19.29 -0.44 -19.24
CA CYS B 42 -17.98 -0.67 -19.84
C CYS B 42 -17.26 -1.82 -19.15
N ALA B 43 -17.29 -1.83 -17.81
CA ALA B 43 -16.64 -2.90 -17.07
C ALA B 43 -17.29 -4.25 -17.35
N GLU B 44 -18.63 -4.29 -17.40
CA GLU B 44 -19.32 -5.55 -17.69
C GLU B 44 -18.99 -6.06 -19.09
N ALA B 45 -18.96 -5.16 -20.07
CA ALA B 45 -18.63 -5.57 -21.43
C ALA B 45 -17.18 -6.06 -21.52
N GLY B 46 -16.26 -5.37 -20.84
CA GLY B 46 -14.88 -5.82 -20.83
C GLY B 46 -14.73 -7.18 -20.20
N ASN B 47 -15.42 -7.42 -19.08
CA ASN B 47 -15.38 -8.73 -18.45
C ASN B 47 -15.95 -9.80 -19.36
N MET B 48 -17.06 -9.50 -20.03
CA MET B 48 -17.68 -10.47 -20.93
C MET B 48 -16.76 -10.84 -22.08
N CYS B 49 -16.13 -9.83 -22.71
CA CYS B 49 -15.25 -10.13 -23.82
C CYS B 49 -13.94 -10.76 -23.39
N LEU B 50 -13.48 -10.50 -22.16
CA LEU B 50 -12.31 -11.23 -21.65
C LEU B 50 -12.65 -12.69 -21.38
N ARG B 51 -13.85 -12.95 -20.87
CA ARG B 51 -14.30 -14.33 -20.73
C ARG B 51 -14.41 -15.02 -22.08
N ASP B 52 -14.89 -14.29 -23.09
CA ASP B 52 -14.95 -14.84 -24.44
C ASP B 52 -13.55 -15.16 -24.97
N LEU B 53 -12.59 -14.26 -24.72
CA LEU B 53 -11.21 -14.52 -25.12
C LEU B 53 -10.65 -15.76 -24.43
N TYR B 54 -10.91 -15.89 -23.13
CA TYR B 54 -10.44 -17.07 -22.41
C TYR B 54 -11.07 -18.35 -22.95
N ASN B 55 -12.37 -18.30 -23.26
CA ASN B 55 -13.04 -19.46 -23.81
C ASN B 55 -12.45 -19.82 -25.18
N TYR B 56 -12.18 -18.81 -26.01
CA TYR B 56 -11.61 -19.07 -27.32
C TYR B 56 -10.22 -19.68 -27.23
N PHE B 57 -9.34 -19.08 -26.43
CA PHE B 57 -7.97 -19.55 -26.36
C PHE B 57 -7.81 -20.83 -25.54
N SER B 58 -8.80 -21.17 -24.69
CA SER B 58 -8.75 -22.43 -23.97
C SER B 58 -9.09 -23.61 -24.87
N MET B 59 -9.89 -23.38 -25.90
CA MET B 59 -10.20 -24.41 -26.87
C MET B 59 -8.96 -24.70 -27.72
N PRO B 60 -8.88 -25.90 -28.31
CA PRO B 60 -7.74 -26.21 -29.17
C PRO B 60 -7.66 -25.26 -30.35
N LYS B 61 -6.42 -24.97 -30.76
CA LYS B 61 -6.20 -24.01 -31.84
C LYS B 61 -6.82 -24.48 -33.15
N GLU B 62 -6.74 -25.78 -33.43
CA GLU B 62 -7.31 -26.30 -34.67
C GLU B 62 -8.83 -26.11 -34.71
N ASP B 63 -9.51 -26.35 -33.59
CA ASP B 63 -10.96 -26.19 -33.50
C ASP B 63 -11.25 -24.80 -32.91
N ARG B 64 -11.07 -23.79 -33.74
CA ARG B 64 -11.31 -22.42 -33.33
C ARG B 64 -11.58 -21.56 -34.55
N ILE B 65 -12.24 -20.43 -34.32
CA ILE B 65 -12.54 -19.46 -35.37
C ILE B 65 -11.33 -18.57 -35.60
N SER B 66 -11.36 -17.81 -36.70
CA SER B 66 -10.28 -16.88 -36.99
C SER B 66 -10.29 -15.72 -35.99
N SER B 67 -9.13 -15.06 -35.88
CA SER B 67 -8.99 -13.96 -34.93
C SER B 67 -9.92 -12.80 -35.26
N LYS B 68 -10.04 -12.47 -36.55
CA LYS B 68 -10.94 -11.39 -36.96
C LYS B 68 -12.38 -11.73 -36.64
N ASP B 69 -12.78 -12.99 -36.87
CA ASP B 69 -14.12 -13.42 -36.50
C ASP B 69 -14.35 -13.33 -35.01
N LEU B 70 -13.34 -13.69 -34.21
CA LEU B 70 -13.44 -13.58 -32.76
C LEU B 70 -13.62 -12.12 -32.33
N TYR B 71 -12.86 -11.21 -32.93
CA TYR B 71 -13.00 -9.80 -32.60
C TYR B 71 -14.37 -9.26 -33.00
N ASN B 72 -14.87 -9.67 -34.16
CA ASN B 72 -16.19 -9.24 -34.59
C ASN B 72 -17.27 -9.78 -33.66
N ALA B 73 -17.15 -11.03 -33.22
CA ALA B 73 -18.11 -11.60 -32.29
C ALA B 73 -18.07 -10.89 -30.95
N MET B 74 -16.87 -10.55 -30.46
CA MET B 74 -16.77 -9.81 -29.21
C MET B 74 -17.40 -8.42 -29.34
N TYR B 75 -17.17 -7.75 -30.47
CA TYR B 75 -17.79 -6.45 -30.69
C TYR B 75 -19.31 -6.56 -30.71
N HIS B 76 -19.84 -7.58 -31.39
CA HIS B 76 -21.28 -7.77 -31.44
C HIS B 76 -21.85 -8.06 -30.06
N LYS B 77 -21.16 -8.89 -29.27
CA LYS B 77 -21.62 -9.18 -27.92
C LYS B 77 -21.58 -7.94 -27.04
N THR B 78 -20.54 -7.13 -27.18
CA THR B 78 -20.46 -5.88 -26.41
C THR B 78 -21.60 -4.93 -26.79
N LYS B 79 -21.90 -4.84 -28.09
CA LYS B 79 -22.99 -3.96 -28.53
C LYS B 79 -24.34 -4.48 -28.04
N LEU B 80 -24.54 -5.79 -28.05
CA LEU B 80 -25.83 -6.35 -27.66
C LEU B 80 -26.05 -6.30 -26.15
N LEU B 81 -24.99 -6.54 -25.36
CA LEU B 81 -25.15 -6.59 -23.91
C LEU B 81 -25.45 -5.21 -23.33
N HIS B 82 -24.88 -4.15 -23.91
CA HIS B 82 -25.10 -2.79 -23.42
C HIS B 82 -25.24 -1.85 -24.62
N PRO B 83 -26.47 -1.68 -25.11
CA PRO B 83 -26.67 -0.77 -26.26
C PRO B 83 -26.38 0.68 -25.93
N GLU B 84 -26.38 1.06 -24.65
CA GLU B 84 -26.10 2.45 -24.28
C GLU B 84 -24.66 2.85 -24.57
N LEU B 85 -23.75 1.89 -24.63
CA LEU B 85 -22.36 2.21 -24.92
C LEU B 85 -22.21 2.61 -26.39
N PRO B 86 -21.58 3.74 -26.69
CA PRO B 86 -21.37 4.12 -28.09
C PRO B 86 -20.35 3.22 -28.77
N GLY B 87 -20.33 3.31 -30.10
CA GLY B 87 -19.48 2.43 -30.88
C GLY B 87 -17.99 2.64 -30.61
N LYS B 88 -17.56 3.89 -30.50
CA LYS B 88 -16.16 4.16 -30.26
C LYS B 88 -15.70 3.62 -28.91
N VAL B 89 -16.52 3.81 -27.87
CA VAL B 89 -16.16 3.32 -26.55
C VAL B 89 -16.13 1.80 -26.53
N ALA B 90 -17.10 1.16 -27.19
CA ALA B 90 -17.11 -0.31 -27.25
C ALA B 90 -15.89 -0.84 -28.00
N ASN B 91 -15.52 -0.20 -29.10
CA ASN B 91 -14.34 -0.62 -29.85
C ASN B 91 -13.07 -0.46 -29.00
N GLN B 92 -12.98 0.66 -28.26
CA GLN B 92 -11.83 0.84 -27.37
C GLN B 92 -11.81 -0.20 -26.26
N ILE B 93 -12.97 -0.57 -25.73
CA ILE B 93 -13.04 -1.62 -24.71
C ILE B 93 -12.54 -2.95 -25.28
N VAL B 94 -12.98 -3.27 -26.50
CA VAL B 94 -12.56 -4.52 -27.13
C VAL B 94 -11.05 -4.53 -27.35
N ASN B 95 -10.51 -3.41 -27.85
CA ASN B 95 -9.06 -3.33 -28.08
C ASN B 95 -8.27 -3.43 -26.79
N HIS B 96 -8.73 -2.76 -25.72
CA HIS B 96 -8.02 -2.83 -24.45
C HIS B 96 -8.10 -4.22 -23.84
N ALA B 97 -9.26 -4.90 -23.99
CA ALA B 97 -9.36 -6.28 -23.52
C ALA B 97 -8.43 -7.19 -24.29
N LYS B 98 -8.33 -7.00 -25.61
CA LYS B 98 -7.40 -7.79 -26.40
C LYS B 98 -5.96 -7.55 -25.96
N ASP B 99 -5.60 -6.30 -25.67
CA ASP B 99 -4.25 -5.99 -25.24
C ASP B 99 -3.95 -6.60 -23.87
N VAL B 100 -4.89 -6.49 -22.93
CA VAL B 100 -4.64 -7.04 -21.60
C VAL B 100 -4.62 -8.57 -21.65
N TRP B 101 -5.40 -9.19 -22.53
CA TRP B 101 -5.31 -10.64 -22.69
C TRP B 101 -3.98 -11.03 -23.32
N LYS B 102 -3.49 -10.25 -24.29
CA LYS B 102 -2.18 -10.53 -24.85
C LYS B 102 -1.09 -10.43 -23.80
N ARG B 103 -1.22 -9.47 -22.87
CA ARG B 103 -0.24 -9.30 -21.82
C ARG B 103 -0.38 -10.29 -20.66
N ASN B 104 -1.55 -10.91 -20.50
CA ASN B 104 -1.79 -11.77 -19.33
C ASN B 104 -2.18 -13.21 -19.67
N ALA B 105 -2.14 -13.62 -20.95
CA ALA B 105 -2.55 -14.97 -21.28
C ALA B 105 -1.59 -16.02 -20.73
N LYS B 106 -0.29 -15.70 -20.74
CA LYS B 106 0.68 -16.63 -20.17
C LYS B 106 0.50 -16.78 -18.67
N LEU B 107 0.14 -15.69 -17.98
CA LEU B 107 -0.19 -15.80 -16.56
C LEU B 107 -1.48 -16.59 -16.36
N ILE B 108 -2.44 -16.43 -17.27
CA ILE B 108 -3.70 -17.15 -17.15
C ILE B 108 -3.47 -18.66 -17.28
N TYR B 109 -2.71 -19.08 -18.28
CA TYR B 109 -2.53 -20.50 -18.56
C TYR B 109 -1.41 -21.13 -17.77
N ARG B 110 -0.56 -20.34 -17.11
CA ARG B 110 0.28 -20.83 -16.03
C ARG B 110 -0.39 -20.65 -14.67
N ASN B 111 -1.60 -20.09 -14.66
CA ASN B 111 -2.40 -19.91 -13.44
C ASN B 111 -1.68 -19.07 -12.40
N GLN B 112 -0.88 -18.10 -12.84
CA GLN B 112 -0.28 -17.15 -11.91
C GLN B 112 -1.27 -16.09 -11.45
N ILE B 113 -2.33 -15.85 -12.22
CA ILE B 113 -3.40 -14.93 -11.84
C ILE B 113 -4.73 -15.53 -12.27
N SER B 114 -5.80 -15.09 -11.61
CA SER B 114 -7.14 -15.48 -12.00
C SER B 114 -7.60 -14.64 -13.20
N MET B 115 -8.87 -14.79 -13.55
CA MET B 115 -9.44 -14.07 -14.68
C MET B 115 -9.32 -12.57 -14.48
N PRO B 116 -8.70 -11.83 -15.39
CA PRO B 116 -8.64 -10.37 -15.25
C PRO B 116 -10.01 -9.75 -15.49
N THR B 117 -10.42 -8.88 -14.57
CA THR B 117 -11.69 -8.18 -14.68
C THR B 117 -11.46 -6.70 -14.38
N TYR B 118 -12.45 -5.88 -14.74
CA TYR B 118 -12.38 -4.44 -14.59
C TYR B 118 -13.31 -4.01 -13.46
N LYS B 119 -12.74 -3.59 -12.34
CA LYS B 119 -13.52 -2.94 -11.31
C LYS B 119 -13.83 -1.51 -11.73
N ILE B 120 -14.78 -0.89 -11.04
CA ILE B 120 -15.21 0.46 -11.39
C ILE B 120 -14.06 1.46 -11.31
N THR B 121 -13.11 1.23 -10.39
CA THR B 121 -11.96 2.13 -10.27
C THR B 121 -11.05 2.04 -11.48
N THR B 122 -10.78 0.82 -11.97
CA THR B 122 -9.81 0.60 -13.03
C THR B 122 -10.45 0.45 -14.40
N ALA B 123 -11.76 0.69 -14.53
CA ALA B 123 -12.45 0.59 -15.80
C ALA B 123 -12.76 1.99 -16.33
N PRO B 124 -11.91 2.57 -17.17
CA PRO B 124 -12.18 3.91 -17.69
C PRO B 124 -13.08 3.85 -18.93
N ILE B 125 -13.60 5.01 -19.29
CA ILE B 125 -14.38 5.17 -20.52
C ILE B 125 -13.37 5.52 -21.61
N ARG B 126 -12.76 4.49 -22.19
CA ARG B 126 -11.67 4.69 -23.13
C ARG B 126 -12.20 5.26 -24.44
N LEU B 127 -11.56 6.32 -24.92
CA LEU B 127 -11.99 7.02 -26.13
C LEU B 127 -10.76 7.33 -26.98
N GLN B 128 -10.94 7.19 -28.29
CA GLN B 128 -9.83 7.41 -29.22
C GLN B 128 -9.52 8.90 -29.35
N ASN B 129 -8.30 9.20 -29.79
CA ASN B 129 -7.87 10.58 -29.96
C ASN B 129 -8.63 11.30 -31.06
N ASN B 130 -9.23 10.58 -32.00
CA ASN B 130 -9.96 11.20 -33.10
C ASN B 130 -11.27 11.84 -32.66
N ILE B 131 -11.71 11.60 -31.42
CA ILE B 131 -12.97 12.12 -30.94
C ILE B 131 -12.82 13.10 -29.77
N TYR B 132 -11.62 13.26 -29.23
CA TYR B 132 -11.38 14.14 -28.10
C TYR B 132 -10.57 15.35 -28.55
N LYS B 133 -11.07 16.55 -28.25
CA LYS B 133 -10.39 17.80 -28.57
C LYS B 133 -10.19 18.60 -27.29
N LEU B 134 -8.97 19.10 -27.09
CA LEU B 134 -8.62 19.86 -25.91
C LEU B 134 -8.65 21.35 -26.26
N ILE B 135 -9.68 22.04 -25.78
CA ILE B 135 -9.83 23.47 -25.99
C ILE B 135 -9.61 24.19 -24.66
N LYS B 136 -9.10 25.41 -24.75
CA LYS B 136 -8.83 26.25 -23.60
C LYS B 136 -9.61 27.55 -23.72
N ASN B 137 -10.31 27.93 -22.65
CA ASN B 137 -11.13 29.14 -22.62
C ASN B 137 -10.87 29.86 -21.31
N LYS B 138 -9.94 30.82 -21.34
CA LYS B 138 -9.58 31.66 -20.18
C LYS B 138 -9.10 30.72 -19.07
N ASN B 139 -9.56 30.88 -17.82
CA ASN B 139 -9.14 30.00 -16.74
C ASN B 139 -9.79 28.63 -16.84
N LYS B 140 -10.90 28.51 -17.56
CA LYS B 140 -11.57 27.23 -17.71
C LYS B 140 -10.92 26.40 -18.82
N TYR B 141 -10.79 25.10 -18.57
CA TYR B 141 -10.27 24.15 -19.53
C TYR B 141 -11.35 23.13 -19.84
N ILE B 142 -11.60 22.88 -21.12
CA ILE B 142 -12.74 22.09 -21.55
C ILE B 142 -12.27 20.96 -22.44
N ILE B 143 -12.75 19.74 -22.18
CA ILE B 143 -12.56 18.60 -23.05
C ILE B 143 -13.81 18.44 -23.91
N ASP B 144 -13.59 18.09 -25.18
CA ASP B 144 -14.69 18.10 -26.16
C ASP B 144 -14.92 16.70 -26.73
N VAL B 145 -15.00 15.69 -25.86
CA VAL B 145 -15.27 14.33 -26.32
C VAL B 145 -16.63 14.26 -27.01
N GLN B 146 -16.80 13.22 -27.82
CA GLN B 146 -18.03 13.01 -28.60
C GLN B 146 -18.63 11.67 -28.18
N LEU B 147 -19.63 11.71 -27.33
CA LEU B 147 -20.32 10.50 -26.88
C LEU B 147 -21.75 10.44 -27.41
N THR B 160 -24.94 15.30 -28.74
CA THR B 160 -23.86 15.03 -29.69
C THR B 160 -22.52 14.88 -28.97
N HIS B 161 -21.78 15.96 -28.87
CA HIS B 161 -20.48 15.98 -28.22
C HIS B 161 -20.60 16.68 -26.86
N ARG B 162 -20.15 16.00 -25.81
CA ARG B 162 -20.21 16.54 -24.46
C ARG B 162 -18.94 17.34 -24.15
N TYR B 163 -19.11 18.43 -23.40
CA TYR B 163 -18.02 19.27 -22.97
C TYR B 163 -17.97 19.26 -21.44
N PHE B 164 -16.85 18.83 -20.88
CA PHE B 164 -16.70 18.66 -19.45
C PHE B 164 -15.61 19.58 -18.90
N LEU B 165 -15.89 20.19 -17.75
CA LEU B 165 -14.93 21.08 -17.12
C LEU B 165 -13.73 20.31 -16.61
N VAL B 166 -12.54 20.87 -16.82
CA VAL B 166 -11.28 20.29 -16.37
C VAL B 166 -10.56 21.34 -15.52
N ALA B 167 -10.22 20.96 -14.28
CA ALA B 167 -9.55 21.85 -13.34
C ALA B 167 -8.08 21.42 -13.23
N VAL B 168 -7.21 22.15 -13.94
CA VAL B 168 -5.77 21.91 -13.83
C VAL B 168 -5.30 22.42 -12.48
N ARG B 169 -4.30 21.73 -11.91
CA ARG B 169 -3.85 22.05 -10.56
C ARG B 169 -2.34 22.25 -10.47
N ASP B 170 -1.62 22.27 -11.59
CA ASP B 170 -0.18 22.47 -11.58
C ASP B 170 0.25 23.23 -12.82
N SER B 171 1.37 23.95 -12.70
CA SER B 171 1.91 24.66 -13.85
C SER B 171 2.37 23.70 -14.94
N SER B 172 2.97 22.59 -14.54
CA SER B 172 3.41 21.59 -15.51
C SER B 172 2.24 21.00 -16.28
N THR B 173 1.16 20.68 -15.56
CA THR B 173 -0.02 20.11 -16.22
C THR B 173 -0.67 21.12 -17.16
N ARG B 174 -0.54 22.42 -16.86
CA ARG B 174 -1.05 23.43 -17.77
C ARG B 174 -0.23 23.49 -19.05
N MET B 175 1.11 23.44 -18.92
CA MET B 175 1.96 23.49 -20.10
C MET B 175 1.77 22.25 -20.97
N ILE B 176 1.65 21.07 -20.35
CA ILE B 176 1.42 19.85 -21.11
C ILE B 176 0.08 19.91 -21.82
N PHE B 177 -0.97 20.36 -21.12
CA PHE B 177 -2.29 20.45 -21.73
C PHE B 177 -2.30 21.40 -22.91
N ASP B 178 -1.62 22.55 -22.78
CA ASP B 178 -1.56 23.50 -23.87
C ASP B 178 -0.79 22.94 -25.06
N ARG B 179 0.30 22.20 -24.79
CA ARG B 179 1.08 21.61 -25.86
C ARG B 179 0.28 20.53 -26.60
N ILE B 180 -0.49 19.72 -25.87
CA ILE B 180 -1.35 18.73 -26.51
C ILE B 180 -2.44 19.42 -27.32
N MET B 181 -2.99 20.51 -26.79
CA MET B 181 -4.02 21.25 -27.52
C MET B 181 -3.47 21.83 -28.82
N SER B 182 -2.24 22.36 -28.78
CA SER B 182 -1.64 22.95 -29.96
C SER B 182 -0.20 22.45 -30.14
N TYR B 192 2.37 17.97 -28.76
CA TYR B 192 2.16 16.58 -28.38
C TYR B 192 0.90 16.01 -29.02
N THR B 193 0.94 14.73 -29.37
CA THR B 193 -0.19 14.05 -29.99
C THR B 193 -0.96 13.27 -28.93
N GLN B 194 -2.27 13.48 -28.89
CA GLN B 194 -3.10 12.85 -27.87
C GLN B 194 -3.17 11.34 -28.08
N GLY B 195 -3.28 10.61 -26.98
CA GLY B 195 -3.41 9.17 -26.97
C GLY B 195 -4.84 8.72 -26.76
N GLN B 196 -5.00 7.66 -25.97
CA GLN B 196 -6.32 7.09 -25.69
C GLN B 196 -6.83 7.66 -24.38
N LEU B 197 -7.77 8.61 -24.49
CA LEU B 197 -8.30 9.28 -23.31
C LEU B 197 -9.02 8.28 -22.41
N GLN B 198 -8.78 8.40 -21.11
CA GLN B 198 -9.35 7.52 -20.10
C GLN B 198 -10.09 8.33 -19.04
N ILE B 199 -11.24 7.86 -18.62
CA ILE B 199 -12.04 8.51 -17.59
C ILE B 199 -12.28 7.49 -16.48
N LYS B 200 -11.40 7.49 -15.48
CA LYS B 200 -11.53 6.58 -14.36
C LYS B 200 -12.39 7.20 -13.26
N LYS B 201 -12.59 6.45 -12.18
CA LYS B 201 -13.30 6.91 -11.00
C LYS B 201 -12.47 6.54 -9.77
N ASP B 202 -12.92 7.00 -8.60
CA ASP B 202 -12.23 6.72 -7.34
C ASP B 202 -13.20 6.22 -6.29
N HIS B 203 -12.71 6.08 -5.05
CA HIS B 203 -13.57 5.61 -3.97
C HIS B 203 -14.68 6.60 -3.66
N GLN B 204 -14.32 7.88 -3.56
CA GLN B 204 -15.30 8.93 -3.26
C GLN B 204 -16.21 9.23 -4.44
N GLY B 205 -15.93 8.67 -5.62
CA GLY B 205 -16.70 8.97 -6.81
C GLY B 205 -16.14 10.08 -7.66
N LYS B 206 -14.91 10.51 -7.41
CA LYS B 206 -14.29 11.58 -8.19
C LYS B 206 -13.79 11.02 -9.52
N TRP B 207 -14.25 11.62 -10.62
CA TRP B 207 -13.85 11.17 -11.95
C TRP B 207 -12.54 11.85 -12.35
N TYR B 208 -11.56 11.06 -12.75
CA TYR B 208 -10.27 11.57 -13.20
C TYR B 208 -10.17 11.45 -14.70
N CYS B 209 -9.80 12.55 -15.37
CA CYS B 209 -9.64 12.59 -16.82
C CYS B 209 -8.15 12.50 -17.14
N ILE B 210 -7.72 11.31 -17.57
CA ILE B 210 -6.31 11.03 -17.82
C ILE B 210 -6.06 11.08 -19.32
N ILE B 211 -5.23 12.01 -19.75
CA ILE B 211 -4.98 12.26 -21.17
C ILE B 211 -3.56 11.80 -21.49
N PRO B 212 -3.38 10.67 -22.16
CA PRO B 212 -2.04 10.28 -22.62
C PRO B 212 -1.57 11.15 -23.76
N TYR B 213 -0.25 11.20 -23.96
CA TYR B 213 0.33 11.99 -25.04
C TYR B 213 1.60 11.32 -25.53
N THR B 214 1.99 11.68 -26.75
CA THR B 214 3.21 11.18 -27.38
C THR B 214 4.01 12.36 -27.90
N PHE B 215 5.31 12.19 -27.93
CA PHE B 215 6.24 13.28 -28.24
C PHE B 215 7.34 12.76 -29.16
N PRO B 216 7.84 13.62 -30.05
CA PRO B 216 9.03 13.25 -30.83
C PRO B 216 10.24 13.08 -29.94
N THR B 217 11.12 12.15 -30.32
CA THR B 217 12.33 11.87 -29.55
C THR B 217 13.48 12.71 -30.11
N HIS B 218 14.15 13.43 -29.22
CA HIS B 218 15.27 14.29 -29.62
C HIS B 218 16.21 14.44 -28.43
N GLU B 219 17.39 13.84 -28.52
CA GLU B 219 18.37 13.94 -27.45
C GLU B 219 19.02 15.31 -27.45
N THR B 220 19.51 15.72 -26.28
CA THR B 220 20.16 17.01 -26.10
C THR B 220 21.47 16.81 -25.36
N VAL B 221 22.33 17.83 -25.44
CA VAL B 221 23.63 17.79 -24.79
C VAL B 221 23.47 17.84 -23.27
N VAL B 227 22.47 24.02 -18.11
CA VAL B 227 23.25 24.52 -16.99
C VAL B 227 22.61 24.10 -15.67
N MET B 228 23.40 23.49 -14.80
CA MET B 228 22.93 23.03 -13.50
C MET B 228 24.04 23.20 -12.47
N GLY B 229 23.75 22.81 -11.23
CA GLY B 229 24.73 22.88 -10.17
C GLY B 229 24.48 21.77 -9.16
N VAL B 230 25.42 21.65 -8.22
CA VAL B 230 25.38 20.60 -7.20
C VAL B 230 25.93 21.17 -5.90
N ASP B 231 25.18 21.00 -4.82
CA ASP B 231 25.63 21.37 -3.49
C ASP B 231 26.20 20.14 -2.77
N LEU B 232 26.79 20.38 -1.61
CA LEU B 232 27.38 19.31 -0.81
C LEU B 232 27.27 19.64 0.67
N GLY B 233 26.65 18.74 1.43
CA GLY B 233 26.57 18.86 2.87
C GLY B 233 27.57 17.98 3.58
N VAL B 234 27.15 17.38 4.70
CA VAL B 234 27.98 16.45 5.46
C VAL B 234 27.48 15.01 5.27
N ALA B 235 26.23 14.75 5.65
CA ALA B 235 25.61 13.44 5.45
C ALA B 235 24.54 13.43 4.36
N LYS B 236 24.09 14.61 3.93
CA LYS B 236 23.07 14.71 2.88
C LYS B 236 23.63 14.38 1.50
N ALA B 237 24.94 14.18 1.38
CA ALA B 237 25.62 13.91 0.09
C ALA B 237 25.35 15.07 -0.84
N VAL B 238 24.92 14.84 -2.08
CA VAL B 238 24.79 15.91 -3.06
C VAL B 238 23.32 16.20 -3.31
N TYR B 239 23.05 17.40 -3.80
CA TYR B 239 21.72 17.84 -4.23
C TYR B 239 21.92 18.68 -5.48
N TRP B 240 21.00 18.55 -6.45
CA TRP B 240 21.15 19.26 -7.71
C TRP B 240 19.84 19.91 -8.10
N ALA B 241 19.96 21.04 -8.79
CA ALA B 241 18.82 21.77 -9.33
C ALA B 241 19.20 22.31 -10.70
N PHE B 242 18.18 22.54 -11.53
CA PHE B 242 18.39 23.03 -12.88
C PHE B 242 18.14 24.54 -12.94
N ASN B 243 18.89 25.20 -13.83
CA ASN B 243 18.80 26.66 -13.94
C ASN B 243 17.46 27.10 -14.54
N SER B 244 16.91 26.32 -15.47
CA SER B 244 15.68 26.69 -16.15
C SER B 244 14.49 25.81 -15.80
N SER B 245 14.73 24.64 -15.21
CA SER B 245 13.65 23.72 -14.85
C SER B 245 13.61 23.56 -13.33
N TYR B 246 12.40 23.29 -12.82
CA TYR B 246 12.20 23.04 -11.40
C TYR B 246 12.56 21.61 -11.00
N LYS B 247 13.18 20.85 -11.90
CA LYS B 247 13.53 19.46 -11.59
C LYS B 247 14.47 19.40 -10.40
N ARG B 248 14.14 18.52 -9.46
CA ARG B 248 14.93 18.34 -8.25
C ARG B 248 15.34 16.88 -8.12
N GLY B 249 16.45 16.66 -7.42
CA GLY B 249 16.88 15.32 -7.08
C GLY B 249 17.93 15.34 -6.00
N CYS B 250 17.71 14.56 -4.94
CA CYS B 250 18.60 14.53 -3.79
C CYS B 250 19.16 13.13 -3.61
N ILE B 251 20.47 13.05 -3.40
CA ILE B 251 21.13 11.77 -3.11
C ILE B 251 21.02 11.59 -1.60
N ASP B 252 19.98 10.87 -1.18
CA ASP B 252 19.75 10.61 0.24
C ASP B 252 20.82 9.64 0.71
N GLY B 253 21.87 10.16 1.33
CA GLY B 253 23.01 9.38 1.73
C GLY B 253 22.80 8.51 2.96
N GLY B 254 21.75 7.70 2.94
CA GLY B 254 21.63 6.64 3.94
C GLY B 254 22.73 5.60 3.79
N GLU B 255 23.19 5.36 2.56
CA GLU B 255 24.28 4.43 2.33
C GLU B 255 25.56 4.90 3.01
N ILE B 256 25.92 6.18 2.82
CA ILE B 256 27.14 6.69 3.42
C ILE B 256 27.05 6.71 4.93
N GLU B 257 25.92 7.14 5.48
CA GLU B 257 25.75 7.18 6.93
C GLU B 257 25.81 5.78 7.52
N HIS B 258 25.13 4.82 6.89
CA HIS B 258 25.15 3.45 7.37
C HIS B 258 26.54 2.85 7.29
N PHE B 259 27.27 3.14 6.22
CA PHE B 259 28.64 2.63 6.10
C PHE B 259 29.54 3.23 7.17
N ARG B 260 29.41 4.53 7.44
CA ARG B 260 30.22 5.16 8.47
C ARG B 260 29.91 4.58 9.85
N LYS B 261 28.61 4.40 10.15
CA LYS B 261 28.23 3.80 11.42
C LYS B 261 28.75 2.37 11.54
N MET B 262 28.67 1.60 10.46
CA MET B 262 29.17 0.24 10.47
C MET B 262 30.68 0.20 10.71
N ILE B 263 31.42 1.09 10.03
CA ILE B 263 32.87 1.12 10.19
C ILE B 263 33.23 1.51 11.62
N ARG B 264 32.55 2.52 12.17
CA ARG B 264 32.84 2.94 13.54
C ARG B 264 32.54 1.83 14.54
N ALA B 265 31.39 1.17 14.40
CA ALA B 265 31.01 0.10 15.32
C ALA B 265 31.95 -1.08 15.23
N ARG B 266 32.33 -1.47 14.00
CA ARG B 266 33.25 -2.59 13.85
C ARG B 266 34.65 -2.25 14.36
N ARG B 267 35.08 -1.00 14.20
CA ARG B 267 36.37 -0.59 14.75
C ARG B 267 36.33 -0.62 16.28
N VAL B 268 35.24 -0.16 16.88
CA VAL B 268 35.10 -0.23 18.33
C VAL B 268 35.10 -1.68 18.81
N SER B 269 34.39 -2.56 18.08
CA SER B 269 34.37 -3.97 18.47
C SER B 269 35.75 -4.60 18.34
N ILE B 270 36.49 -4.26 17.29
CA ILE B 270 37.84 -4.80 17.12
C ILE B 270 38.75 -4.30 18.24
N GLN B 271 38.64 -3.03 18.60
CA GLN B 271 39.45 -2.49 19.70
C GLN B 271 39.11 -3.17 21.01
N ASN B 272 37.82 -3.43 21.26
CA ASN B 272 37.42 -4.12 22.48
C ASN B 272 37.92 -5.55 22.50
N GLN B 273 37.90 -6.23 21.36
CA GLN B 273 38.36 -7.61 21.27
C GLN B 273 39.88 -7.69 21.27
N THR B 295 42.24 -3.75 7.69
CA THR B 295 41.30 -4.13 6.64
C THR B 295 40.14 -3.14 6.56
N LEU B 296 39.66 -2.71 7.73
CA LEU B 296 38.53 -1.79 7.77
C LEU B 296 38.90 -0.45 7.15
N SER B 297 40.09 0.07 7.42
CA SER B 297 40.51 1.35 6.85
C SER B 297 40.64 1.26 5.34
N GLU B 298 41.23 0.17 4.83
CA GLU B 298 41.35 0.00 3.39
C GLU B 298 39.98 -0.14 2.74
N LYS B 299 39.08 -0.88 3.38
CA LYS B 299 37.73 -1.02 2.83
C LYS B 299 37.01 0.32 2.80
N GLU B 300 37.15 1.12 3.86
CA GLU B 300 36.53 2.44 3.87
C GLU B 300 37.12 3.34 2.78
N LYS B 301 38.44 3.29 2.60
CA LYS B 301 39.08 4.10 1.57
C LYS B 301 38.61 3.69 0.18
N ASN B 302 38.49 2.38 -0.06
CA ASN B 302 38.04 1.92 -1.37
C ASN B 302 36.57 2.23 -1.60
N PHE B 303 35.75 2.17 -0.56
CA PHE B 303 34.35 2.56 -0.68
C PHE B 303 34.23 4.04 -1.01
N ARG B 304 35.03 4.87 -0.34
CA ARG B 304 35.03 6.30 -0.65
C ARG B 304 35.56 6.56 -2.06
N ASP B 305 36.45 5.69 -2.55
CA ASP B 305 36.98 5.85 -3.90
C ASP B 305 35.98 5.41 -4.96
N THR B 306 35.06 4.51 -4.63
CA THR B 306 34.07 4.02 -5.58
C THR B 306 32.71 4.67 -5.44
N ILE B 307 32.41 5.28 -4.28
CA ILE B 307 31.12 5.93 -4.10
C ILE B 307 31.03 7.23 -4.89
N ASN B 308 32.17 7.84 -5.24
CA ASN B 308 32.11 9.02 -6.10
C ASN B 308 31.77 8.66 -7.54
N HIS B 309 32.17 7.46 -7.97
CA HIS B 309 31.77 7.00 -9.30
C HIS B 309 30.26 6.83 -9.40
N ARG B 310 29.62 6.28 -8.36
CA ARG B 310 28.17 6.13 -8.40
C ARG B 310 27.47 7.48 -8.45
N TYR B 311 27.92 8.42 -7.61
CA TYR B 311 27.29 9.75 -7.58
C TYR B 311 27.59 10.53 -8.85
N ALA B 312 28.81 10.42 -9.39
CA ALA B 312 29.13 11.08 -10.65
C ALA B 312 28.29 10.52 -11.78
N ASN B 313 28.08 9.19 -11.81
CA ASN B 313 27.22 8.59 -12.82
C ASN B 313 25.78 9.09 -12.69
N ARG B 314 25.28 9.19 -11.45
CA ARG B 314 23.92 9.69 -11.25
C ARG B 314 23.81 11.14 -11.72
N ILE B 315 24.80 11.98 -11.40
CA ILE B 315 24.77 13.38 -11.79
C ILE B 315 24.83 13.52 -13.30
N VAL B 316 25.67 12.70 -13.95
CA VAL B 316 25.78 12.76 -15.41
C VAL B 316 24.46 12.30 -16.06
N GLU B 317 23.83 11.27 -15.51
CA GLU B 317 22.55 10.82 -16.04
C GLU B 317 21.48 11.89 -15.87
N ALA B 318 21.47 12.57 -14.72
CA ALA B 318 20.50 13.64 -14.50
C ALA B 318 20.78 14.83 -15.41
N ALA B 319 22.04 15.11 -15.71
CA ALA B 319 22.37 16.21 -16.61
C ALA B 319 21.95 15.88 -18.04
N ILE B 320 22.21 14.66 -18.49
CA ILE B 320 21.79 14.26 -19.83
C ILE B 320 20.27 14.27 -19.95
N LYS B 321 19.58 13.80 -18.91
CA LYS B 321 18.14 13.90 -18.87
C LYS B 321 17.71 15.37 -18.77
N GLN B 322 16.54 15.67 -19.33
CA GLN B 322 15.93 17.00 -19.32
C GLN B 322 16.72 18.03 -20.09
N GLY B 323 17.75 17.61 -20.84
CA GLY B 323 18.48 18.51 -21.71
C GLY B 323 19.35 19.54 -21.01
N CYS B 324 20.40 19.09 -20.33
CA CYS B 324 21.37 19.97 -19.70
C CYS B 324 22.76 19.60 -20.19
N GLY B 325 23.52 20.61 -20.62
CA GLY B 325 24.82 20.36 -21.21
C GLY B 325 25.98 21.08 -20.55
N THR B 326 25.73 21.69 -19.40
CA THR B 326 26.77 22.42 -18.68
C THR B 326 26.71 22.05 -17.20
N ILE B 327 27.88 21.85 -16.60
CA ILE B 327 28.00 21.46 -15.19
C ILE B 327 28.77 22.56 -14.48
N GLN B 328 28.11 23.24 -13.54
CA GLN B 328 28.74 24.22 -12.66
C GLN B 328 28.69 23.63 -11.25
N ILE B 329 29.70 22.87 -10.88
CA ILE B 329 29.73 22.17 -9.62
C ILE B 329 30.58 22.95 -8.62
N GLU B 330 30.44 22.61 -7.34
CA GLU B 330 31.18 23.29 -6.29
C GLU B 330 32.65 22.89 -6.32
N ASN B 331 33.45 23.59 -5.50
CA ASN B 331 34.87 23.35 -5.38
C ASN B 331 35.25 23.24 -3.91
N LEU B 332 36.26 22.42 -3.63
CA LEU B 332 36.73 22.25 -2.26
C LEU B 332 37.68 23.38 -1.86
N ASN B 346 36.86 14.79 6.19
CA ASN B 346 36.03 13.67 6.59
C ASN B 346 35.68 12.78 5.40
N TRP B 347 35.73 13.35 4.20
CA TRP B 347 35.43 12.64 2.97
C TRP B 347 36.33 13.17 1.88
N PRO B 348 36.72 12.34 0.91
CA PRO B 348 37.56 12.81 -0.21
C PRO B 348 36.76 13.59 -1.26
N TYR B 349 36.55 14.87 -0.97
CA TYR B 349 35.81 15.72 -1.89
C TYR B 349 36.61 15.99 -3.17
N TYR B 350 37.94 16.01 -3.07
CA TYR B 350 38.77 16.17 -4.28
C TYR B 350 38.59 14.99 -5.22
N ASP B 351 38.50 13.78 -4.66
CA ASP B 351 38.25 12.60 -5.50
C ASP B 351 36.90 12.70 -6.19
N LEU B 352 35.87 13.15 -5.48
CA LEU B 352 34.56 13.32 -6.11
C LEU B 352 34.60 14.37 -7.20
N GLN B 353 35.31 15.48 -6.97
CA GLN B 353 35.44 16.51 -7.99
C GLN B 353 36.15 15.98 -9.23
N THR B 354 37.23 15.23 -9.03
CA THR B 354 37.94 14.65 -10.17
C THR B 354 37.06 13.67 -10.92
N LYS B 355 36.30 12.84 -10.19
CA LYS B 355 35.44 11.86 -10.84
C LYS B 355 34.33 12.52 -11.64
N ILE B 356 33.72 13.58 -11.09
CA ILE B 356 32.65 14.25 -11.81
C ILE B 356 33.20 15.07 -12.98
N VAL B 357 34.45 15.55 -12.88
CA VAL B 357 35.05 16.25 -14.00
C VAL B 357 35.37 15.28 -15.12
N ASN B 358 35.91 14.11 -14.79
CA ASN B 358 36.30 13.15 -15.82
C ASN B 358 35.09 12.46 -16.45
N LYS B 359 34.10 12.08 -15.64
CA LYS B 359 32.96 11.35 -16.16
C LYS B 359 31.99 12.22 -16.95
N ALA B 360 31.96 13.52 -16.68
CA ALA B 360 31.12 14.42 -17.46
C ALA B 360 31.77 14.79 -18.80
N LYS B 361 33.09 14.69 -18.91
CA LYS B 361 33.75 14.98 -20.17
C LYS B 361 33.48 13.93 -21.23
N GLU B 362 33.01 12.75 -20.83
CA GLU B 362 32.67 11.72 -21.81
C GLU B 362 31.51 12.17 -22.70
N HIS B 363 30.52 12.84 -22.12
CA HIS B 363 29.41 13.39 -22.88
C HIS B 363 29.65 14.83 -23.33
N GLY B 364 30.84 15.37 -23.09
CA GLY B 364 31.15 16.72 -23.52
C GLY B 364 30.60 17.83 -22.66
N ILE B 365 30.26 17.54 -21.41
CA ILE B 365 29.74 18.54 -20.49
C ILE B 365 30.91 19.10 -19.69
N THR B 366 31.15 20.40 -19.83
CA THR B 366 32.24 21.05 -19.12
C THR B 366 31.91 21.21 -17.64
N VAL B 367 32.92 21.02 -16.79
CA VAL B 367 32.78 21.14 -15.34
C VAL B 367 33.54 22.38 -14.90
N VAL B 368 32.84 23.27 -14.18
CA VAL B 368 33.40 24.53 -13.70
C VAL B 368 33.36 24.51 -12.17
N ALA B 369 34.48 24.84 -11.55
CA ALA B 369 34.60 24.85 -10.10
C ALA B 369 34.45 26.28 -9.59
N ILE B 370 33.61 26.45 -8.56
CA ILE B 370 33.29 27.76 -8.02
C ILE B 370 33.45 27.73 -6.50
N ASN B 371 33.65 28.93 -5.93
CA ASN B 371 33.91 29.03 -4.51
C ASN B 371 32.68 28.63 -3.70
N PRO B 372 32.84 27.80 -2.65
CA PRO B 372 31.71 27.39 -1.80
C PRO B 372 31.45 28.36 -0.65
N GLN B 373 31.35 29.66 -0.97
CA GLN B 373 31.17 30.68 0.05
C GLN B 373 29.91 31.47 -0.24
N TYR B 374 29.08 31.64 0.79
CA TYR B 374 27.80 32.35 0.69
C TYR B 374 26.90 31.72 -0.38
N THR B 375 26.91 30.38 -0.45
CA THR B 375 26.05 29.64 -1.35
C THR B 375 24.84 29.05 -0.64
N SER B 376 25.01 28.56 0.58
CA SER B 376 23.88 28.04 1.35
C SER B 376 23.01 29.16 1.90
N GLN B 377 23.63 30.28 2.29
CA GLN B 377 22.91 31.38 2.91
C GLN B 377 22.13 32.23 1.91
N ARG B 378 22.54 32.24 0.65
CA ARG B 378 21.86 33.03 -0.37
C ARG B 378 20.48 32.46 -0.66
N CYS B 379 19.51 33.34 -0.93
CA CYS B 379 18.20 32.91 -1.37
C CYS B 379 18.17 32.76 -2.89
N SER B 380 17.53 31.70 -3.36
CA SER B 380 17.47 31.46 -4.80
C SER B 380 16.52 32.44 -5.49
N MET B 381 15.36 32.71 -4.88
CA MET B 381 14.34 33.51 -5.54
C MET B 381 14.77 34.97 -5.69
N CYS B 382 15.25 35.58 -4.60
CA CYS B 382 15.54 37.01 -4.59
C CYS B 382 17.01 37.35 -4.50
N GLY B 383 17.88 36.39 -4.22
CA GLY B 383 19.30 36.66 -4.12
C GLY B 383 19.75 37.31 -2.82
N TYR B 384 18.85 37.46 -1.86
CA TYR B 384 19.21 38.08 -0.59
C TYR B 384 20.18 37.20 0.19
N ILE B 385 21.10 37.84 0.91
CA ILE B 385 22.11 37.14 1.68
C ILE B 385 21.91 37.50 3.15
N GLU B 386 21.86 36.49 4.01
CA GLU B 386 21.70 36.69 5.43
C GLU B 386 22.46 35.60 6.18
N LYS B 387 22.79 35.90 7.43
CA LYS B 387 23.53 34.97 8.27
C LYS B 387 22.66 33.80 8.71
N VAL B 395 15.94 22.97 6.13
CA VAL B 395 14.99 23.95 5.59
C VAL B 395 15.60 25.35 5.64
N PHE B 396 15.56 26.04 4.50
CA PHE B 396 16.10 27.38 4.38
C PHE B 396 14.97 28.35 4.10
N GLU B 397 14.92 29.45 4.86
CA GLU B 397 13.89 30.47 4.71
C GLU B 397 14.54 31.83 4.95
N CYS B 398 14.83 32.56 3.87
CA CYS B 398 15.38 33.90 4.00
C CYS B 398 14.30 34.86 4.46
N LYS B 399 14.70 35.85 5.27
CA LYS B 399 13.75 36.79 5.83
C LYS B 399 13.26 37.82 4.82
N GLN B 400 13.98 38.00 3.70
CA GLN B 400 13.59 39.03 2.74
C GLN B 400 12.26 38.71 2.07
N CYS B 401 12.08 37.47 1.60
CA CYS B 401 10.86 37.07 0.92
C CYS B 401 10.13 35.91 1.57
N GLY B 402 10.70 35.29 2.60
CA GLY B 402 10.05 34.16 3.24
C GLY B 402 9.92 32.97 2.32
N TYR B 403 11.00 32.62 1.62
CA TYR B 403 10.97 31.54 0.63
C TYR B 403 10.55 30.22 1.28
N GLY B 404 11.16 29.88 2.41
CA GLY B 404 10.88 28.59 3.03
C GLY B 404 9.48 28.48 3.58
N SER B 405 8.97 29.53 4.22
CA SER B 405 7.70 29.47 4.93
C SER B 405 6.50 29.86 4.09
N ARG B 406 6.70 30.37 2.87
CA ARG B 406 5.57 30.79 2.06
C ARG B 406 4.88 29.59 1.43
N THR B 407 3.58 29.78 1.15
CA THR B 407 2.78 28.78 0.45
C THR B 407 2.37 29.38 -0.89
N ILE B 408 2.67 28.66 -1.97
CA ILE B 408 2.46 29.17 -3.33
C ILE B 408 1.64 28.17 -4.13
N CYS B 409 0.80 28.71 -5.00
CA CYS B 409 0.09 27.87 -5.96
C CYS B 409 1.07 27.35 -7.00
N ILE B 410 0.96 26.06 -7.34
CA ILE B 410 1.85 25.47 -8.32
C ILE B 410 1.63 26.10 -9.69
N ASN B 411 0.36 26.33 -10.04
CA ASN B 411 0.02 26.78 -11.39
C ASN B 411 0.45 28.23 -11.63
N CYS B 412 0.35 29.09 -10.62
CA CYS B 412 0.57 30.52 -10.81
C CYS B 412 1.79 31.06 -10.10
N ARG B 413 2.30 30.37 -9.07
CA ARG B 413 3.47 30.82 -8.30
C ARG B 413 3.23 32.17 -7.63
N HIS B 414 2.00 32.42 -7.20
CA HIS B 414 1.66 33.62 -6.44
C HIS B 414 1.46 33.24 -4.98
N VAL B 415 2.07 34.01 -4.08
CA VAL B 415 2.08 33.67 -2.65
C VAL B 415 0.72 33.96 -2.04
N GLN B 416 0.28 33.08 -1.14
CA GLN B 416 -0.96 33.26 -0.40
C GLN B 416 -0.70 33.06 1.08
N VAL B 417 -1.52 33.70 1.91
CA VAL B 417 -1.37 33.59 3.35
C VAL B 417 -1.68 32.17 3.82
N SER B 418 -2.79 31.61 3.35
CA SER B 418 -3.21 30.28 3.79
C SER B 418 -4.18 29.73 2.76
N GLY B 419 -4.58 28.47 2.98
CA GLY B 419 -5.54 27.81 2.11
C GLY B 419 -4.89 26.88 1.09
N ASP B 420 -5.52 25.73 0.86
CA ASP B 420 -5.01 24.75 -0.09
C ASP B 420 -5.55 24.94 -1.50
N VAL B 421 -6.36 25.97 -1.73
CA VAL B 421 -6.93 26.26 -3.04
C VAL B 421 -6.59 27.69 -3.41
N CYS B 422 -6.03 27.86 -4.61
CA CYS B 422 -5.65 29.19 -5.07
C CYS B 422 -6.88 30.00 -5.45
N GLU B 423 -6.82 31.31 -5.19
CA GLU B 423 -7.89 32.20 -5.60
C GLU B 423 -7.81 32.55 -7.08
N GLU B 424 -6.60 32.72 -7.61
CA GLU B 424 -6.45 33.13 -9.00
C GLU B 424 -6.69 31.96 -9.96
N CYS B 425 -6.25 30.75 -9.60
CA CYS B 425 -6.32 29.60 -10.47
C CYS B 425 -7.23 28.48 -9.98
N GLY B 426 -7.42 28.36 -8.67
CA GLY B 426 -8.11 27.20 -8.14
C GLY B 426 -7.30 25.94 -8.14
N GLY B 427 -5.97 26.05 -8.26
CA GLY B 427 -5.10 24.89 -8.27
C GLY B 427 -4.63 24.50 -6.87
N ILE B 428 -3.66 23.60 -6.85
CA ILE B 428 -3.09 23.12 -5.60
C ILE B 428 -2.13 24.16 -5.04
N VAL B 429 -2.30 24.51 -3.77
CA VAL B 429 -1.38 25.39 -3.06
C VAL B 429 -0.52 24.52 -2.16
N LYS B 430 0.79 24.50 -2.42
CA LYS B 430 1.74 23.68 -1.68
C LYS B 430 2.67 24.56 -0.87
N LYS B 431 2.88 24.19 0.38
CA LYS B 431 3.84 24.89 1.22
C LYS B 431 5.26 24.56 0.75
N GLU B 432 6.09 25.59 0.60
CA GLU B 432 7.41 25.42 0.03
C GLU B 432 8.28 24.56 0.95
N ASN B 433 8.67 23.38 0.46
CA ASN B 433 9.59 22.50 1.18
C ASN B 433 11.01 22.70 0.69
N VAL B 434 11.48 23.96 0.80
CA VAL B 434 12.78 24.34 0.31
C VAL B 434 13.83 23.91 1.33
N ASN B 435 14.54 22.83 1.04
CA ASN B 435 15.64 22.41 1.90
C ASN B 435 16.85 23.29 1.68
N ALA B 436 17.71 23.38 2.70
CA ALA B 436 18.93 24.16 2.60
C ALA B 436 19.84 23.62 1.51
N ASP B 437 19.95 22.30 1.40
CA ASP B 437 20.79 21.70 0.37
C ASP B 437 20.28 22.04 -1.03
N TYR B 438 18.96 21.98 -1.23
CA TYR B 438 18.40 22.32 -2.54
C TYR B 438 18.62 23.80 -2.86
N ASN B 439 18.46 24.67 -1.87
CA ASN B 439 18.70 26.09 -2.10
C ASN B 439 20.15 26.36 -2.46
N ALA B 440 21.09 25.70 -1.76
CA ALA B 440 22.50 25.85 -2.11
C ALA B 440 22.77 25.33 -3.51
N ALA B 441 22.17 24.20 -3.87
CA ALA B 441 22.37 23.65 -5.21
C ALA B 441 21.84 24.60 -6.28
N LYS B 442 20.67 25.21 -6.04
CA LYS B 442 20.11 26.11 -7.03
C LYS B 442 20.90 27.41 -7.12
N ASN B 443 21.48 27.87 -6.00
CA ASN B 443 22.36 29.03 -6.06
C ASN B 443 23.65 28.70 -6.84
N ILE B 444 24.20 27.51 -6.61
CA ILE B 444 25.38 27.08 -7.35
C ILE B 444 25.06 26.94 -8.84
N SER B 445 23.85 26.51 -9.17
CA SER B 445 23.43 26.35 -10.55
C SER B 445 23.30 27.68 -11.30
N THR B 446 23.34 28.81 -10.60
CA THR B 446 23.18 30.09 -11.25
C THR B 446 24.42 30.40 -12.10
N PRO B 447 24.25 30.68 -13.40
CA PRO B 447 25.41 31.00 -14.22
C PRO B 447 26.09 32.28 -13.77
N TYR B 448 27.41 32.31 -13.92
CA TYR B 448 28.25 33.45 -13.53
C TYR B 448 28.01 33.82 -12.06
N ILE B 449 28.23 32.82 -11.19
CA ILE B 449 27.98 33.01 -9.77
C ILE B 449 28.96 34.01 -9.17
N ASP B 450 30.20 34.04 -9.68
CA ASP B 450 31.20 34.95 -9.11
C ASP B 450 30.78 36.40 -9.27
N GLN B 451 30.31 36.78 -10.47
CA GLN B 451 29.89 38.16 -10.69
C GLN B 451 28.65 38.51 -9.86
N ILE B 452 27.67 37.60 -9.82
CA ILE B 452 26.43 37.89 -9.10
C ILE B 452 26.63 37.86 -7.60
N ILE B 453 27.72 37.25 -7.12
CA ILE B 453 28.02 37.27 -5.69
C ILE B 453 28.98 38.40 -5.33
N MET B 454 29.76 38.91 -6.28
CA MET B 454 30.53 40.11 -6.03
C MET B 454 29.65 41.35 -6.09
N GLU B 455 28.60 41.32 -6.91
CA GLU B 455 27.67 42.44 -6.99
C GLU B 455 26.69 42.49 -5.82
N LYS B 456 26.66 41.46 -4.99
CA LYS B 456 25.72 41.40 -3.86
C LYS B 456 26.43 41.39 -2.51
N CYS B 457 27.46 40.57 -2.34
CA CYS B 457 28.16 40.51 -1.06
C CYS B 457 28.91 41.81 -0.77
N LEU B 458 29.48 42.43 -1.80
CA LEU B 458 30.19 43.69 -1.60
C LEU B 458 29.24 44.82 -1.28
N GLU B 459 28.03 44.81 -1.87
CA GLU B 459 27.05 45.84 -1.56
C GLU B 459 26.62 45.76 -0.10
N LEU B 460 26.43 44.55 0.42
CA LEU B 460 26.02 44.35 1.81
C LEU B 460 27.19 44.41 2.78
N GLY B 461 28.42 44.52 2.28
CA GLY B 461 29.59 44.60 3.14
C GLY B 461 30.14 43.27 3.60
N ILE B 462 29.54 42.16 3.23
CA ILE B 462 30.02 40.84 3.61
C ILE B 462 31.24 40.49 2.76
N PRO B 463 32.40 40.23 3.37
CA PRO B 463 33.58 39.91 2.59
C PRO B 463 33.63 38.45 2.17
N TYR B 464 34.19 38.21 0.99
CA TYR B 464 34.37 36.87 0.46
C TYR B 464 35.77 36.74 -0.10
N ARG B 465 36.33 35.54 -0.01
CA ARG B 465 37.68 35.28 -0.51
C ARG B 465 37.66 35.02 -2.00
N SER B 466 38.48 35.75 -2.75
CA SER B 466 38.56 35.59 -4.19
C SER B 466 39.98 35.25 -4.64
ZN ZN F . -22.66 16.25 34.08
ZN ZN G . 14.44 35.31 -0.54
ZN ZN H . -2.63 29.97 -8.56
#